data_1SPF
#
_entry.id   1SPF
#
_cell.length_a   1.000
_cell.length_b   1.000
_cell.length_c   1.000
_cell.angle_alpha   90.00
_cell.angle_beta   90.00
_cell.angle_gamma   90.00
#
_symmetry.space_group_name_H-M   'P 1'
#
_entity_poly.entity_id   1
_entity_poly.type   'polypeptide(L)'
_entity_poly.pdbx_seq_one_letter_code
;LRIPCCPVNLKRLLVVVVVVVLVVVVIVGALLMGL
;
_entity_poly.pdbx_strand_id   A
#
# COMPACT_ATOMS: atom_id res chain seq x y z
N LEU A 1 10.55 -12.46 16.24
CA LEU A 1 11.39 -11.26 16.37
C LEU A 1 12.15 -11.16 15.05
N ARG A 2 12.60 -9.97 14.64
CA ARG A 2 13.15 -9.65 13.32
C ARG A 2 12.28 -10.18 12.17
N ILE A 3 12.73 -10.01 10.93
CA ILE A 3 12.20 -10.76 9.81
C ILE A 3 12.73 -12.19 9.93
N PRO A 4 11.94 -13.23 9.66
CA PRO A 4 12.38 -14.60 9.83
C PRO A 4 13.53 -14.91 8.86
N CYS A 5 13.22 -14.91 7.57
CA CYS A 5 14.16 -15.18 6.50
C CYS A 5 13.51 -14.67 5.22
N CYS A 6 13.32 -13.35 5.19
CA CYS A 6 12.45 -12.57 4.29
C CYS A 6 11.05 -12.50 4.91
N PRO A 7 10.39 -11.34 4.96
CA PRO A 7 9.04 -11.24 5.48
C PRO A 7 8.06 -12.10 4.67
N VAL A 8 7.20 -12.83 5.38
CA VAL A 8 6.19 -13.73 4.82
C VAL A 8 4.99 -12.91 4.36
N ASN A 9 3.77 -13.32 4.69
CA ASN A 9 2.54 -12.58 4.42
C ASN A 9 2.64 -11.08 4.79
N LEU A 10 3.48 -10.73 5.77
CA LEU A 10 3.76 -9.34 6.14
C LEU A 10 4.20 -8.54 4.91
N LYS A 11 4.94 -9.18 4.00
CA LYS A 11 5.35 -8.56 2.75
C LYS A 11 4.12 -8.11 1.96
N ARG A 12 3.18 -9.01 1.71
CA ARG A 12 2.01 -8.64 0.92
C ARG A 12 1.11 -7.67 1.69
N LEU A 13 1.14 -7.72 3.02
CA LEU A 13 0.52 -6.69 3.85
C LEU A 13 1.16 -5.34 3.52
N LEU A 14 2.48 -5.27 3.53
CA LEU A 14 3.22 -4.07 3.14
C LEU A 14 2.82 -3.60 1.74
N VAL A 15 2.75 -4.52 0.79
CA VAL A 15 2.26 -4.20 -0.55
C VAL A 15 0.87 -3.55 -0.47
N VAL A 16 -0.07 -4.15 0.27
CA VAL A 16 -1.39 -3.55 0.45
C VAL A 16 -1.27 -2.14 1.01
N VAL A 17 -0.45 -1.93 2.05
CA VAL A 17 -0.21 -0.61 2.60
C VAL A 17 0.26 0.35 1.50
N VAL A 18 1.28 -0.05 0.72
CA VAL A 18 1.78 0.75 -0.39
C VAL A 18 0.65 1.08 -1.37
N VAL A 19 -0.18 0.09 -1.72
CA VAL A 19 -1.31 0.32 -2.63
C VAL A 19 -2.23 1.37 -2.01
N VAL A 20 -2.58 1.21 -0.73
CA VAL A 20 -3.40 2.17 -0.02
C VAL A 20 -2.79 3.58 -0.11
N VAL A 21 -1.50 3.72 0.18
CA VAL A 21 -0.80 5.00 0.07
C VAL A 21 -0.91 5.56 -1.34
N LEU A 22 -0.68 4.73 -2.37
CA LEU A 22 -0.78 5.12 -3.76
C LEU A 22 -2.21 5.61 -4.04
N VAL A 23 -3.22 4.86 -3.60
CA VAL A 23 -4.61 5.21 -3.79
C VAL A 23 -4.92 6.54 -3.08
N VAL A 24 -4.38 6.76 -1.89
CA VAL A 24 -4.51 8.01 -1.20
C VAL A 24 -3.86 9.14 -2.02
N VAL A 25 -2.65 8.94 -2.52
CA VAL A 25 -2.03 9.90 -3.42
C VAL A 25 -2.90 10.17 -4.64
N VAL A 26 -3.54 9.14 -5.20
CA VAL A 26 -4.42 9.30 -6.34
C VAL A 26 -5.61 10.16 -5.90
N ILE A 27 -6.20 9.87 -4.74
CA ILE A 27 -7.32 10.64 -4.21
C ILE A 27 -6.88 12.10 -4.03
N VAL A 28 -5.67 12.31 -3.50
CA VAL A 28 -5.15 13.64 -3.28
C VAL A 28 -5.01 14.38 -4.62
N GLY A 29 -4.32 13.76 -5.58
CA GLY A 29 -4.21 14.32 -6.92
C GLY A 29 -5.59 14.65 -7.51
N ALA A 30 -6.52 13.71 -7.40
CA ALA A 30 -7.89 13.89 -7.87
C ALA A 30 -8.53 15.12 -7.22
N LEU A 31 -8.44 15.23 -5.89
CA LEU A 31 -8.96 16.36 -5.15
C LEU A 31 -8.30 17.65 -5.63
N LEU A 32 -6.98 17.66 -5.81
CA LEU A 32 -6.27 18.83 -6.31
C LEU A 32 -6.76 19.22 -7.71
N MET A 33 -7.01 18.24 -8.59
CA MET A 33 -7.61 18.50 -9.89
C MET A 33 -9.02 19.08 -9.73
N GLY A 34 -9.82 18.50 -8.83
CA GLY A 34 -11.15 18.98 -8.50
C GLY A 34 -11.81 18.10 -7.44
N LEU A 35 -12.12 16.85 -7.80
CA LEU A 35 -12.65 15.82 -6.93
C LEU A 35 -11.85 14.58 -7.29
N LEU A 1 10.34 -25.36 15.12
CA LEU A 1 9.92 -24.83 13.80
C LEU A 1 10.40 -23.38 13.69
N ARG A 2 10.24 -22.74 12.53
CA ARG A 2 10.64 -21.37 12.30
C ARG A 2 9.76 -20.81 11.17
N ILE A 3 8.64 -20.20 11.53
CA ILE A 3 7.64 -19.70 10.60
C ILE A 3 7.53 -18.17 10.74
N PRO A 4 8.43 -17.40 10.11
CA PRO A 4 8.40 -15.95 10.19
C PRO A 4 7.34 -15.36 9.24
N CYS A 5 7.20 -15.96 8.05
CA CYS A 5 6.29 -15.54 6.99
C CYS A 5 6.68 -14.15 6.45
N CYS A 6 7.92 -13.75 6.69
CA CYS A 6 8.43 -12.42 6.36
C CYS A 6 8.22 -12.06 4.87
N PRO A 7 8.68 -12.88 3.90
CA PRO A 7 8.44 -12.58 2.49
C PRO A 7 7.03 -12.97 2.02
N VAL A 8 6.14 -13.38 2.93
CA VAL A 8 4.81 -13.89 2.65
C VAL A 8 3.79 -12.80 3.04
N ASN A 9 2.74 -13.17 3.76
CA ASN A 9 1.68 -12.27 4.22
C ASN A 9 2.21 -10.93 4.78
N LEU A 10 3.32 -10.93 5.52
CA LEU A 10 3.95 -9.69 5.99
C LEU A 10 4.31 -8.80 4.81
N LYS A 11 4.96 -9.40 3.81
CA LYS A 11 5.32 -8.71 2.58
C LYS A 11 4.04 -8.21 1.90
N ARG A 12 3.02 -9.08 1.78
CA ARG A 12 1.82 -8.71 1.08
C ARG A 12 1.03 -7.63 1.82
N LEU A 13 1.21 -7.56 3.13
CA LEU A 13 0.67 -6.51 3.97
C LEU A 13 1.38 -5.21 3.62
N LEU A 14 2.72 -5.23 3.59
CA LEU A 14 3.51 -4.08 3.20
C LEU A 14 3.08 -3.58 1.80
N VAL A 15 2.93 -4.52 0.85
CA VAL A 15 2.43 -4.19 -0.48
C VAL A 15 1.07 -3.50 -0.36
N VAL A 16 0.12 -4.07 0.39
CA VAL A 16 -1.18 -3.45 0.60
C VAL A 16 -1.00 -2.03 1.16
N VAL A 17 -0.15 -1.83 2.15
CA VAL A 17 0.11 -0.51 2.70
C VAL A 17 0.56 0.44 1.58
N VAL A 18 1.57 0.05 0.79
CA VAL A 18 2.04 0.83 -0.32
C VAL A 18 0.89 1.15 -1.30
N VAL A 19 0.07 0.15 -1.63
CA VAL A 19 -1.05 0.35 -2.54
C VAL A 19 -2.00 1.39 -1.94
N VAL A 20 -2.33 1.24 -0.66
CA VAL A 20 -3.17 2.18 0.06
C VAL A 20 -2.59 3.60 -0.05
N VAL A 21 -1.30 3.78 0.22
CA VAL A 21 -0.64 5.06 0.09
C VAL A 21 -0.79 5.61 -1.33
N LEU A 22 -0.56 4.78 -2.35
CA LEU A 22 -0.72 5.15 -3.75
C LEU A 22 -2.17 5.59 -3.98
N VAL A 23 -3.16 4.82 -3.50
CA VAL A 23 -4.55 5.11 -3.67
C VAL A 23 -4.91 6.42 -3.00
N VAL A 24 -4.36 6.69 -1.81
CA VAL A 24 -4.54 7.93 -1.12
C VAL A 24 -3.95 9.06 -1.96
N VAL A 25 -2.72 8.93 -2.46
CA VAL A 25 -2.14 9.89 -3.38
C VAL A 25 -3.04 10.11 -4.59
N VAL A 26 -3.64 9.05 -5.13
CA VAL A 26 -4.54 9.16 -6.27
C VAL A 26 -5.77 9.96 -5.85
N ILE A 27 -6.35 9.66 -4.69
CA ILE A 27 -7.51 10.38 -4.19
C ILE A 27 -7.14 11.85 -4.02
N VAL A 28 -5.96 12.12 -3.46
CA VAL A 28 -5.51 13.47 -3.19
C VAL A 28 -5.34 14.22 -4.51
N GLY A 29 -4.60 13.64 -5.46
CA GLY A 29 -4.47 14.22 -6.79
C GLY A 29 -5.84 14.48 -7.42
N ALA A 30 -6.71 13.47 -7.41
CA ALA A 30 -8.06 13.57 -7.96
C ALA A 30 -8.83 14.73 -7.33
N LEU A 31 -8.72 14.92 -6.01
CA LEU A 31 -9.28 16.05 -5.32
C LEU A 31 -8.65 17.33 -5.88
N LEU A 32 -7.32 17.47 -5.82
CA LEU A 32 -6.61 18.68 -6.20
C LEU A 32 -6.91 19.11 -7.64
N MET A 33 -7.06 18.14 -8.55
CA MET A 33 -7.44 18.41 -9.93
C MET A 33 -8.76 19.17 -10.01
N GLY A 34 -9.66 18.96 -9.04
CA GLY A 34 -10.90 19.70 -8.90
C GLY A 34 -10.71 20.94 -8.01
N LEU A 35 -10.45 20.72 -6.72
CA LEU A 35 -10.35 21.73 -5.68
C LEU A 35 -9.10 21.41 -4.86
N LEU A 1 1.63 -19.24 14.00
CA LEU A 1 2.19 -20.14 15.01
C LEU A 1 3.07 -21.18 14.32
N ARG A 2 3.73 -22.06 15.09
CA ARG A 2 4.68 -23.09 14.65
C ARG A 2 5.63 -22.66 13.53
N ILE A 3 6.86 -22.27 13.88
CA ILE A 3 8.03 -22.24 13.01
C ILE A 3 7.69 -21.86 11.55
N PRO A 4 7.36 -20.59 11.27
CA PRO A 4 7.11 -20.12 9.92
C PRO A 4 8.45 -19.98 9.18
N CYS A 5 8.43 -20.00 7.85
CA CYS A 5 9.64 -19.82 7.03
C CYS A 5 9.33 -19.23 5.65
N CYS A 6 8.14 -18.66 5.47
CA CYS A 6 7.71 -18.09 4.19
C CYS A 6 7.37 -16.60 4.38
N PRO A 7 8.29 -15.67 4.07
CA PRO A 7 8.08 -14.25 4.32
C PRO A 7 7.20 -13.63 3.21
N VAL A 8 6.00 -14.17 3.03
CA VAL A 8 4.92 -13.53 2.29
C VAL A 8 4.04 -12.83 3.32
N ASN A 9 2.71 -12.95 3.21
CA ASN A 9 1.72 -12.56 4.21
C ASN A 9 1.93 -11.12 4.69
N LEU A 10 2.74 -10.94 5.74
CA LEU A 10 3.14 -9.65 6.28
C LEU A 10 3.72 -8.80 5.15
N LYS A 11 4.59 -9.41 4.33
CA LYS A 11 5.17 -8.73 3.18
C LYS A 11 4.05 -8.26 2.22
N ARG A 12 3.06 -9.11 1.97
CA ARG A 12 1.95 -8.74 1.10
C ARG A 12 1.08 -7.66 1.75
N LEU A 13 1.06 -7.62 3.08
CA LEU A 13 0.43 -6.56 3.84
C LEU A 13 1.19 -5.26 3.55
N LEU A 14 2.52 -5.29 3.65
CA LEU A 14 3.36 -4.16 3.29
C LEU A 14 3.06 -3.66 1.87
N VAL A 15 2.96 -4.58 0.92
CA VAL A 15 2.56 -4.23 -0.44
C VAL A 15 1.19 -3.54 -0.43
N VAL A 16 0.20 -4.11 0.27
CA VAL A 16 -1.11 -3.48 0.39
C VAL A 16 -0.97 -2.07 0.95
N VAL A 17 -0.16 -1.86 1.99
CA VAL A 17 0.11 -0.53 2.54
C VAL A 17 0.65 0.39 1.44
N VAL A 18 1.66 -0.05 0.68
CA VAL A 18 2.19 0.73 -0.43
C VAL A 18 1.07 1.09 -1.42
N VAL A 19 0.21 0.13 -1.77
CA VAL A 19 -0.92 0.38 -2.66
C VAL A 19 -1.82 1.45 -2.03
N VAL A 20 -2.14 1.31 -0.75
CA VAL A 20 -2.93 2.28 -0.01
C VAL A 20 -2.32 3.68 -0.13
N VAL A 21 -1.02 3.83 0.10
CA VAL A 21 -0.32 5.10 -0.04
C VAL A 21 -0.52 5.66 -1.46
N LEU A 22 -0.32 4.83 -2.48
CA LEU A 22 -0.53 5.21 -3.86
C LEU A 22 -1.99 5.67 -4.05
N VAL A 23 -2.96 4.91 -3.56
CA VAL A 23 -4.36 5.21 -3.66
C VAL A 23 -4.67 6.53 -2.95
N VAL A 24 -4.04 6.81 -1.81
CA VAL A 24 -4.16 8.05 -1.12
C VAL A 24 -3.62 9.18 -2.00
N VAL A 25 -2.42 9.04 -2.57
CA VAL A 25 -1.90 10.01 -3.53
C VAL A 25 -2.89 10.22 -4.68
N VAL A 26 -3.49 9.14 -5.18
CA VAL A 26 -4.47 9.23 -6.26
C VAL A 26 -5.67 10.03 -5.78
N ILE A 27 -6.17 9.75 -4.57
CA ILE A 27 -7.29 10.46 -3.99
C ILE A 27 -6.92 11.95 -3.87
N VAL A 28 -5.69 12.23 -3.43
CA VAL A 28 -5.22 13.60 -3.25
C VAL A 28 -5.24 14.30 -4.61
N GLY A 29 -4.53 13.76 -5.62
CA GLY A 29 -4.56 14.33 -6.95
C GLY A 29 -5.99 14.50 -7.47
N ALA A 30 -6.82 13.46 -7.30
CA ALA A 30 -8.21 13.45 -7.70
C ALA A 30 -9.02 14.55 -7.02
N LEU A 31 -8.69 14.91 -5.78
CA LEU A 31 -9.27 16.03 -5.10
C LEU A 31 -8.76 17.30 -5.79
N LEU A 32 -7.43 17.54 -5.80
CA LEU A 32 -6.88 18.80 -6.27
C LEU A 32 -7.26 19.13 -7.71
N MET A 33 -7.38 18.14 -8.60
CA MET A 33 -7.82 18.41 -9.96
C MET A 33 -9.24 19.01 -9.99
N GLY A 34 -10.04 18.74 -8.97
CA GLY A 34 -11.37 19.30 -8.79
C GLY A 34 -11.31 20.59 -7.97
N LEU A 35 -10.85 20.50 -6.71
CA LEU A 35 -10.85 21.56 -5.73
C LEU A 35 -9.60 21.39 -4.88
N LEU A 1 8.06 -29.17 4.49
CA LEU A 1 7.31 -27.90 4.55
C LEU A 1 6.14 -28.06 3.60
N ARG A 2 4.99 -27.42 3.84
CA ARG A 2 3.82 -27.45 2.98
C ARG A 2 3.10 -26.10 3.08
N ILE A 3 3.61 -25.09 2.35
CA ILE A 3 2.98 -23.77 2.21
C ILE A 3 2.55 -23.20 3.58
N PRO A 4 3.49 -22.75 4.43
CA PRO A 4 3.17 -22.25 5.76
C PRO A 4 2.37 -20.94 5.70
N CYS A 5 2.49 -20.18 4.61
CA CYS A 5 1.70 -18.98 4.29
C CYS A 5 1.94 -17.83 5.26
N CYS A 6 3.01 -17.94 6.05
CA CYS A 6 3.37 -17.02 7.12
C CYS A 6 4.13 -15.79 6.63
N PRO A 7 5.25 -15.93 5.89
CA PRO A 7 5.89 -14.77 5.27
C PRO A 7 5.04 -14.21 4.13
N VAL A 8 4.38 -15.12 3.38
CA VAL A 8 3.34 -14.73 2.45
C VAL A 8 2.22 -14.06 3.26
N ASN A 9 1.43 -13.22 2.61
CA ASN A 9 0.35 -12.41 3.20
C ASN A 9 0.91 -11.27 4.05
N LEU A 10 1.89 -11.54 4.90
CA LEU A 10 2.58 -10.53 5.70
C LEU A 10 3.37 -9.63 4.75
N LYS A 11 4.13 -10.25 3.84
CA LYS A 11 4.83 -9.48 2.81
C LYS A 11 3.84 -8.65 2.00
N ARG A 12 2.68 -9.24 1.68
CA ARG A 12 1.64 -8.57 0.94
C ARG A 12 1.02 -7.43 1.73
N LEU A 13 1.05 -7.51 3.06
CA LEU A 13 0.62 -6.44 3.94
C LEU A 13 1.46 -5.20 3.65
N LEU A 14 2.79 -5.37 3.61
CA LEU A 14 3.70 -4.29 3.26
C LEU A 14 3.36 -3.68 1.89
N VAL A 15 3.13 -4.55 0.90
CA VAL A 15 2.69 -4.10 -0.42
C VAL A 15 1.40 -3.27 -0.28
N VAL A 16 0.41 -3.78 0.46
CA VAL A 16 -0.83 -3.06 0.70
C VAL A 16 -0.55 -1.70 1.32
N VAL A 17 0.32 -1.60 2.33
CA VAL A 17 0.69 -0.31 2.90
C VAL A 17 1.18 0.64 1.81
N VAL A 18 2.14 0.20 0.98
CA VAL A 18 2.63 1.02 -0.12
C VAL A 18 1.49 1.42 -1.06
N VAL A 19 0.63 0.48 -1.43
CA VAL A 19 -0.50 0.75 -2.30
C VAL A 19 -1.40 1.80 -1.65
N VAL A 20 -1.66 1.70 -0.35
CA VAL A 20 -2.45 2.66 0.40
C VAL A 20 -1.88 4.07 0.21
N VAL A 21 -0.56 4.26 0.36
CA VAL A 21 0.04 5.56 0.16
C VAL A 21 -0.23 6.06 -1.27
N LEU A 22 -0.04 5.21 -2.26
CA LEU A 22 -0.31 5.53 -3.65
C LEU A 22 -1.80 5.92 -3.82
N VAL A 23 -2.71 5.14 -3.24
CA VAL A 23 -4.13 5.37 -3.31
C VAL A 23 -4.48 6.70 -2.67
N VAL A 24 -3.86 7.05 -1.54
CA VAL A 24 -4.04 8.32 -0.91
C VAL A 24 -3.56 9.43 -1.84
N VAL A 25 -2.36 9.31 -2.42
CA VAL A 25 -1.88 10.24 -3.41
C VAL A 25 -2.87 10.37 -4.58
N VAL A 26 -3.47 9.26 -5.00
CA VAL A 26 -4.44 9.26 -6.10
C VAL A 26 -5.68 10.02 -5.65
N ILE A 27 -6.17 9.76 -4.42
CA ILE A 27 -7.33 10.44 -3.88
C ILE A 27 -7.03 11.94 -3.85
N VAL A 28 -5.83 12.32 -3.39
CA VAL A 28 -5.44 13.70 -3.26
C VAL A 28 -5.39 14.35 -4.65
N GLY A 29 -4.65 13.75 -5.58
CA GLY A 29 -4.59 14.24 -6.95
C GLY A 29 -5.98 14.36 -7.56
N ALA A 30 -6.84 13.37 -7.37
CA ALA A 30 -8.20 13.39 -7.87
C ALA A 30 -8.99 14.55 -7.27
N LEU A 31 -8.88 14.76 -5.96
CA LEU A 31 -9.50 15.88 -5.28
C LEU A 31 -9.01 17.18 -5.95
N LEU A 32 -7.69 17.37 -6.06
CA LEU A 32 -7.11 18.59 -6.63
C LEU A 32 -7.54 18.78 -8.09
N MET A 33 -7.64 17.70 -8.86
CA MET A 33 -8.15 17.72 -10.22
C MET A 33 -9.59 18.23 -10.23
N GLY A 34 -10.36 17.90 -9.19
CA GLY A 34 -11.70 18.44 -8.99
C GLY A 34 -11.64 19.93 -8.63
N LEU A 35 -11.09 20.25 -7.45
CA LEU A 35 -11.13 21.54 -6.84
C LEU A 35 -9.91 21.75 -5.95
N LEU A 1 7.66 -21.10 19.50
CA LEU A 1 8.89 -20.66 18.82
C LEU A 1 8.66 -20.74 17.31
N ARG A 2 9.55 -20.15 16.50
CA ARG A 2 9.46 -20.18 15.04
C ARG A 2 10.85 -19.81 14.51
N ILE A 3 11.17 -20.21 13.29
CA ILE A 3 12.36 -19.74 12.60
C ILE A 3 12.08 -18.28 12.18
N PRO A 4 12.95 -17.32 12.53
CA PRO A 4 12.75 -15.92 12.20
C PRO A 4 13.04 -15.67 10.72
N CYS A 5 12.84 -14.43 10.25
CA CYS A 5 13.14 -14.00 8.89
C CYS A 5 12.25 -14.75 7.90
N CYS A 6 10.95 -14.78 8.22
CA CYS A 6 9.92 -15.46 7.44
C CYS A 6 9.02 -14.43 6.73
N PRO A 7 9.36 -13.97 5.51
CA PRO A 7 8.61 -12.91 4.83
C PRO A 7 7.32 -13.45 4.20
N VAL A 8 6.40 -13.92 5.05
CA VAL A 8 5.11 -14.46 4.66
C VAL A 8 4.12 -13.33 4.37
N ASN A 9 2.90 -13.41 4.89
CA ASN A 9 1.83 -12.46 4.60
C ASN A 9 2.20 -11.01 4.89
N LEU A 10 3.20 -10.76 5.74
CA LEU A 10 3.73 -9.40 5.95
C LEU A 10 4.15 -8.77 4.61
N LYS A 11 4.55 -9.60 3.64
CA LYS A 11 4.84 -9.18 2.28
C LYS A 11 3.58 -8.52 1.69
N ARG A 12 2.45 -9.25 1.67
CA ARG A 12 1.24 -8.69 1.09
C ARG A 12 0.70 -7.52 1.91
N LEU A 13 1.00 -7.51 3.21
CA LEU A 13 0.67 -6.38 4.06
C LEU A 13 1.43 -5.14 3.56
N LEU A 14 2.74 -5.28 3.36
CA LEU A 14 3.56 -4.19 2.83
C LEU A 14 3.03 -3.72 1.48
N VAL A 15 2.72 -4.66 0.58
CA VAL A 15 2.09 -4.33 -0.69
C VAL A 15 0.83 -3.51 -0.45
N VAL A 16 -0.07 -3.96 0.43
CA VAL A 16 -1.29 -3.23 0.74
C VAL A 16 -0.97 -1.84 1.25
N VAL A 17 -0.02 -1.68 2.18
CA VAL A 17 0.37 -0.37 2.67
C VAL A 17 0.77 0.53 1.48
N VAL A 18 1.68 0.05 0.64
CA VAL A 18 2.12 0.81 -0.53
C VAL A 18 0.94 1.17 -1.44
N VAL A 19 0.06 0.21 -1.73
CA VAL A 19 -1.08 0.44 -2.59
C VAL A 19 -1.96 1.51 -1.97
N VAL A 20 -2.27 1.39 -0.68
CA VAL A 20 -3.04 2.36 0.06
C VAL A 20 -2.40 3.74 -0.08
N VAL A 21 -1.10 3.88 0.14
CA VAL A 21 -0.42 5.15 0.02
C VAL A 21 -0.59 5.72 -1.40
N LEU A 22 -0.34 4.90 -2.42
CA LEU A 22 -0.48 5.31 -3.81
C LEU A 22 -1.93 5.75 -4.06
N VAL A 23 -2.91 4.98 -3.61
CA VAL A 23 -4.31 5.27 -3.79
C VAL A 23 -4.67 6.56 -3.07
N VAL A 24 -4.12 6.82 -1.88
CA VAL A 24 -4.33 8.04 -1.17
C VAL A 24 -3.73 9.20 -1.97
N VAL A 25 -2.50 9.07 -2.47
CA VAL A 25 -1.92 10.07 -3.35
C VAL A 25 -2.82 10.32 -4.57
N VAL A 26 -3.39 9.26 -5.15
CA VAL A 26 -4.27 9.39 -6.30
C VAL A 26 -5.52 10.16 -5.88
N ILE A 27 -6.13 9.80 -4.74
CA ILE A 27 -7.31 10.45 -4.23
C ILE A 27 -6.99 11.93 -4.00
N VAL A 28 -5.83 12.21 -3.42
CA VAL A 28 -5.39 13.56 -3.11
C VAL A 28 -5.25 14.35 -4.41
N GLY A 29 -4.47 13.85 -5.36
CA GLY A 29 -4.34 14.48 -6.67
C GLY A 29 -5.70 14.73 -7.31
N ALA A 30 -6.57 13.72 -7.28
CA ALA A 30 -7.90 13.81 -7.85
C ALA A 30 -8.74 14.90 -7.16
N LEU A 31 -8.66 15.00 -5.84
CA LEU A 31 -9.33 16.01 -5.06
C LEU A 31 -8.75 17.39 -5.47
N LEU A 32 -7.43 17.50 -5.55
CA LEU A 32 -6.78 18.77 -5.89
C LEU A 32 -7.18 19.24 -7.29
N MET A 33 -7.12 18.36 -8.29
CA MET A 33 -7.53 18.73 -9.65
C MET A 33 -9.03 19.01 -9.69
N GLY A 34 -9.82 18.24 -8.93
CA GLY A 34 -11.26 18.35 -8.87
C GLY A 34 -11.89 17.26 -9.73
N LEU A 35 -11.91 16.02 -9.24
CA LEU A 35 -12.81 15.00 -9.75
C LEU A 35 -14.27 15.39 -9.53
N LEU A 1 6.36 -23.17 15.70
CA LEU A 1 6.78 -21.88 15.10
C LEU A 1 7.42 -22.16 13.73
N ARG A 2 6.66 -22.06 12.64
CA ARG A 2 7.15 -22.45 11.32
C ARG A 2 8.05 -21.36 10.70
N ILE A 3 9.19 -21.10 11.34
CA ILE A 3 10.31 -20.31 10.82
C ILE A 3 9.83 -19.06 10.06
N PRO A 4 9.32 -18.03 10.76
CA PRO A 4 8.82 -16.82 10.10
C PRO A 4 9.97 -16.11 9.37
N CYS A 5 9.87 -16.04 8.05
CA CYS A 5 10.90 -15.55 7.13
C CYS A 5 10.31 -14.45 6.25
N CYS A 6 9.41 -13.66 6.84
CA CYS A 6 8.53 -12.72 6.14
C CYS A 6 7.68 -13.48 5.10
N PRO A 7 6.70 -14.27 5.56
CA PRO A 7 5.93 -15.14 4.70
C PRO A 7 4.83 -14.37 3.97
N VAL A 8 4.01 -15.10 3.21
CA VAL A 8 2.82 -14.58 2.60
C VAL A 8 1.92 -13.90 3.63
N ASN A 9 1.12 -12.99 3.11
CA ASN A 9 0.26 -12.05 3.83
C ASN A 9 1.04 -10.99 4.60
N LEU A 10 2.07 -11.39 5.34
CA LEU A 10 2.95 -10.48 6.02
C LEU A 10 3.67 -9.63 4.96
N LYS A 11 4.31 -10.30 4.01
CA LYS A 11 4.98 -9.63 2.90
C LYS A 11 3.98 -8.76 2.13
N ARG A 12 2.79 -9.32 1.86
CA ARG A 12 1.77 -8.59 1.10
C ARG A 12 1.28 -7.37 1.86
N LEU A 13 1.35 -7.37 3.20
CA LEU A 13 0.92 -6.24 4.00
C LEU A 13 1.71 -5.00 3.59
N LEU A 14 3.03 -5.15 3.42
CA LEU A 14 3.88 -4.07 2.96
C LEU A 14 3.39 -3.55 1.60
N VAL A 15 3.09 -4.46 0.68
CA VAL A 15 2.54 -4.10 -0.63
C VAL A 15 1.22 -3.33 -0.44
N VAL A 16 0.34 -3.82 0.44
CA VAL A 16 -0.90 -3.13 0.74
C VAL A 16 -0.60 -1.72 1.25
N VAL A 17 0.35 -1.53 2.17
CA VAL A 17 0.71 -0.20 2.64
C VAL A 17 1.09 0.69 1.46
N VAL A 18 1.98 0.21 0.58
CA VAL A 18 2.37 0.95 -0.60
C VAL A 18 1.15 1.30 -1.45
N VAL A 19 0.26 0.33 -1.70
CA VAL A 19 -0.94 0.56 -2.49
C VAL A 19 -1.78 1.64 -1.83
N VAL A 20 -1.97 1.55 -0.51
CA VAL A 20 -2.71 2.53 0.26
C VAL A 20 -2.11 3.92 0.05
N VAL A 21 -0.79 4.07 0.17
CA VAL A 21 -0.12 5.35 -0.04
C VAL A 21 -0.41 5.87 -1.46
N LEU A 22 -0.26 5.01 -2.47
CA LEU A 22 -0.55 5.35 -3.85
C LEU A 22 -2.00 5.79 -3.97
N VAL A 23 -2.94 5.05 -3.40
CA VAL A 23 -4.35 5.34 -3.46
C VAL A 23 -4.65 6.66 -2.78
N VAL A 24 -3.99 6.97 -1.65
CA VAL A 24 -4.12 8.23 -1.00
C VAL A 24 -3.61 9.34 -1.91
N VAL A 25 -2.42 9.19 -2.50
CA VAL A 25 -1.92 10.13 -3.49
C VAL A 25 -2.93 10.32 -4.63
N VAL A 26 -3.56 9.23 -5.08
CA VAL A 26 -4.53 9.30 -6.16
C VAL A 26 -5.74 10.10 -5.68
N ILE A 27 -6.23 9.83 -4.45
CA ILE A 27 -7.35 10.54 -3.88
C ILE A 27 -6.99 12.03 -3.83
N VAL A 28 -5.77 12.33 -3.36
CA VAL A 28 -5.33 13.70 -3.17
C VAL A 28 -5.27 14.40 -4.53
N GLY A 29 -4.58 13.82 -5.51
CA GLY A 29 -4.54 14.36 -6.86
C GLY A 29 -5.95 14.55 -7.42
N ALA A 30 -6.78 13.53 -7.31
CA ALA A 30 -8.16 13.57 -7.78
C ALA A 30 -8.94 14.73 -7.14
N LEU A 31 -8.73 14.95 -5.83
CA LEU A 31 -9.36 16.01 -5.09
C LEU A 31 -8.84 17.36 -5.60
N LEU A 32 -7.52 17.56 -5.67
CA LEU A 32 -7.00 18.87 -6.05
C LEU A 32 -7.28 19.22 -7.52
N MET A 33 -7.26 18.21 -8.41
CA MET A 33 -7.71 18.40 -9.79
C MET A 33 -9.21 18.66 -9.83
N GLY A 34 -9.98 17.90 -9.04
CA GLY A 34 -11.43 18.01 -8.98
C GLY A 34 -12.05 17.00 -9.93
N LEU A 35 -11.99 15.72 -9.55
CA LEU A 35 -12.74 14.67 -10.23
C LEU A 35 -14.25 14.96 -10.22
N LEU A 1 23.12 -15.77 7.83
CA LEU A 1 21.88 -15.68 7.03
C LEU A 1 21.00 -16.89 7.39
N ARG A 2 19.79 -16.66 7.91
CA ARG A 2 18.83 -17.70 8.29
C ARG A 2 17.42 -17.14 8.17
N ILE A 3 16.98 -16.88 6.95
CA ILE A 3 15.61 -16.49 6.63
C ILE A 3 14.95 -17.74 6.02
N PRO A 4 14.09 -18.47 6.75
CA PRO A 4 13.37 -19.59 6.18
C PRO A 4 12.20 -19.09 5.33
N CYS A 5 11.35 -18.25 5.94
CA CYS A 5 10.09 -17.78 5.35
C CYS A 5 9.65 -16.46 6.00
N CYS A 6 10.60 -15.69 6.55
CA CYS A 6 10.29 -14.48 7.31
C CYS A 6 9.41 -13.47 6.56
N PRO A 7 9.73 -13.06 5.32
CA PRO A 7 8.88 -12.16 4.55
C PRO A 7 7.61 -12.90 4.09
N VAL A 8 6.68 -13.11 5.01
CA VAL A 8 5.45 -13.86 4.81
C VAL A 8 4.30 -12.90 4.47
N ASN A 9 3.13 -13.07 5.08
CA ASN A 9 1.95 -12.23 4.87
C ASN A 9 2.29 -10.76 5.09
N LEU A 10 3.18 -10.47 6.04
CA LEU A 10 3.64 -9.13 6.34
C LEU A 10 4.18 -8.46 5.07
N LYS A 11 4.88 -9.22 4.24
CA LYS A 11 5.42 -8.68 3.00
C LYS A 11 4.27 -8.24 2.09
N ARG A 12 3.21 -9.07 1.98
CA ARG A 12 2.09 -8.76 1.13
C ARG A 12 1.24 -7.64 1.75
N LEU A 13 1.28 -7.53 3.08
CA LEU A 13 0.67 -6.44 3.80
C LEU A 13 1.39 -5.14 3.41
N LEU A 14 2.72 -5.16 3.36
CA LEU A 14 3.49 -4.02 2.91
C LEU A 14 3.07 -3.60 1.49
N VAL A 15 2.93 -4.58 0.58
CA VAL A 15 2.42 -4.30 -0.76
C VAL A 15 1.04 -3.62 -0.67
N VAL A 16 0.11 -4.20 0.11
CA VAL A 16 -1.20 -3.59 0.30
C VAL A 16 -1.05 -2.15 0.79
N VAL A 17 -0.19 -1.90 1.79
CA VAL A 17 0.06 -0.56 2.28
C VAL A 17 0.51 0.35 1.15
N VAL A 18 1.47 -0.08 0.31
CA VAL A 18 1.88 0.68 -0.86
C VAL A 18 0.67 0.99 -1.75
N VAL A 19 -0.19 0.01 -2.01
CA VAL A 19 -1.38 0.24 -2.83
C VAL A 19 -2.26 1.31 -2.16
N VAL A 20 -2.49 1.18 -0.85
CA VAL A 20 -3.26 2.14 -0.08
C VAL A 20 -2.66 3.55 -0.23
N VAL A 21 -1.35 3.69 -0.05
CA VAL A 21 -0.66 4.95 -0.22
C VAL A 21 -0.89 5.50 -1.63
N LEU A 22 -0.76 4.66 -2.66
CA LEU A 22 -1.02 5.04 -4.04
C LEU A 22 -2.47 5.54 -4.16
N VAL A 23 -3.44 4.81 -3.62
CA VAL A 23 -4.84 5.16 -3.68
C VAL A 23 -5.07 6.49 -2.97
N VAL A 24 -4.44 6.72 -1.81
CA VAL A 24 -4.51 7.97 -1.11
C VAL A 24 -3.91 9.08 -1.97
N VAL A 25 -2.74 8.88 -2.56
CA VAL A 25 -2.16 9.82 -3.50
C VAL A 25 -3.11 10.10 -4.66
N VAL A 26 -3.83 9.09 -5.14
CA VAL A 26 -4.79 9.26 -6.22
C VAL A 26 -5.93 10.14 -5.71
N ILE A 27 -6.47 9.84 -4.51
CA ILE A 27 -7.54 10.61 -3.93
C ILE A 27 -7.08 12.06 -3.78
N VAL A 28 -5.87 12.26 -3.28
CA VAL A 28 -5.33 13.58 -3.03
C VAL A 28 -5.15 14.32 -4.34
N GLY A 29 -4.48 13.69 -5.32
CA GLY A 29 -4.31 14.25 -6.64
C GLY A 29 -5.65 14.64 -7.25
N ALA A 30 -6.63 13.75 -7.19
CA ALA A 30 -7.98 13.99 -7.70
C ALA A 30 -8.59 15.21 -7.01
N LEU A 31 -8.52 15.28 -5.68
CA LEU A 31 -9.01 16.38 -4.89
C LEU A 31 -8.33 17.68 -5.34
N LEU A 32 -6.99 17.69 -5.49
CA LEU A 32 -6.26 18.89 -5.87
C LEU A 32 -6.62 19.30 -7.31
N MET A 33 -6.75 18.33 -8.22
CA MET A 33 -7.16 18.55 -9.60
C MET A 33 -8.58 19.11 -9.66
N GLY A 34 -9.46 18.63 -8.76
CA GLY A 34 -10.88 18.86 -8.83
C GLY A 34 -11.51 17.79 -9.72
N LEU A 35 -11.32 16.52 -9.34
CA LEU A 35 -11.85 15.36 -10.02
C LEU A 35 -12.27 14.39 -8.90
N LEU A 1 15.74 -28.94 2.27
CA LEU A 1 15.43 -27.53 2.63
C LEU A 1 14.36 -27.00 1.68
N ARG A 2 13.92 -25.76 1.91
CA ARG A 2 13.15 -24.93 1.00
C ARG A 2 13.62 -23.49 1.25
N ILE A 3 13.20 -22.54 0.43
CA ILE A 3 13.63 -21.15 0.57
C ILE A 3 12.92 -20.51 1.78
N PRO A 4 13.59 -19.62 2.52
CA PRO A 4 13.00 -18.95 3.67
C PRO A 4 11.97 -17.92 3.21
N CYS A 5 10.85 -17.81 3.93
CA CYS A 5 9.81 -16.82 3.68
C CYS A 5 9.05 -16.60 4.99
N CYS A 6 9.80 -16.27 6.05
CA CYS A 6 9.25 -16.07 7.38
C CYS A 6 8.08 -15.07 7.43
N PRO A 7 8.21 -13.82 6.92
CA PRO A 7 7.17 -12.82 7.06
C PRO A 7 6.00 -13.02 6.07
N VAL A 8 5.40 -14.22 6.07
CA VAL A 8 4.17 -14.45 5.31
C VAL A 8 3.11 -13.49 5.81
N ASN A 9 2.21 -13.09 4.92
CA ASN A 9 1.21 -12.05 5.07
C ASN A 9 1.80 -10.64 5.29
N LEU A 10 2.79 -10.48 6.15
CA LEU A 10 3.37 -9.19 6.47
C LEU A 10 4.05 -8.62 5.22
N LYS A 11 4.84 -9.45 4.55
CA LYS A 11 5.63 -8.99 3.41
C LYS A 11 4.71 -8.45 2.31
N ARG A 12 3.55 -9.09 2.11
CA ARG A 12 2.58 -8.65 1.12
C ARG A 12 1.65 -7.58 1.68
N LEU A 13 1.44 -7.54 2.99
CA LEU A 13 0.71 -6.47 3.65
C LEU A 13 1.42 -5.15 3.39
N LEU A 14 2.75 -5.15 3.44
CA LEU A 14 3.53 -3.98 3.02
C LEU A 14 3.14 -3.51 1.62
N VAL A 15 3.00 -4.45 0.69
CA VAL A 15 2.56 -4.11 -0.66
C VAL A 15 1.15 -3.52 -0.61
N VAL A 16 0.25 -4.12 0.18
CA VAL A 16 -1.10 -3.55 0.36
C VAL A 16 -0.98 -2.11 0.87
N VAL A 17 -0.14 -1.84 1.87
CA VAL A 17 0.07 -0.49 2.37
C VAL A 17 0.52 0.42 1.22
N VAL A 18 1.51 0.00 0.43
CA VAL A 18 1.95 0.77 -0.72
C VAL A 18 0.79 1.05 -1.68
N VAL A 19 -0.04 0.04 -1.97
CA VAL A 19 -1.18 0.22 -2.86
C VAL A 19 -2.13 1.25 -2.25
N VAL A 20 -2.44 1.13 -0.96
CA VAL A 20 -3.27 2.07 -0.25
C VAL A 20 -2.70 3.49 -0.37
N VAL A 21 -1.40 3.66 -0.13
CA VAL A 21 -0.72 4.94 -0.26
C VAL A 21 -0.88 5.48 -1.68
N LEU A 22 -0.68 4.65 -2.70
CA LEU A 22 -0.85 5.03 -4.09
C LEU A 22 -2.29 5.50 -4.32
N VAL A 23 -3.28 4.73 -3.85
CA VAL A 23 -4.68 5.06 -4.00
C VAL A 23 -4.99 6.37 -3.29
N VAL A 24 -4.42 6.60 -2.10
CA VAL A 24 -4.56 7.83 -1.39
C VAL A 24 -3.94 8.97 -2.20
N VAL A 25 -2.74 8.80 -2.75
CA VAL A 25 -2.13 9.76 -3.64
C VAL A 25 -3.05 10.06 -4.83
N VAL A 26 -3.70 9.03 -5.39
CA VAL A 26 -4.62 9.22 -6.50
C VAL A 26 -5.78 10.09 -6.01
N ILE A 27 -6.36 9.74 -4.86
CA ILE A 27 -7.48 10.47 -4.29
C ILE A 27 -7.06 11.93 -4.05
N VAL A 28 -5.85 12.12 -3.52
CA VAL A 28 -5.31 13.43 -3.20
C VAL A 28 -5.15 14.24 -4.49
N GLY A 29 -4.49 13.65 -5.50
CA GLY A 29 -4.38 14.27 -6.82
C GLY A 29 -5.76 14.66 -7.37
N ALA A 30 -6.74 13.76 -7.26
CA ALA A 30 -8.09 14.01 -7.72
C ALA A 30 -8.69 15.23 -6.99
N LEU A 31 -8.62 15.23 -5.65
CA LEU A 31 -9.06 16.33 -4.82
C LEU A 31 -8.36 17.62 -5.27
N LEU A 32 -7.04 17.58 -5.49
CA LEU A 32 -6.27 18.75 -5.89
C LEU A 32 -6.73 19.27 -7.25
N MET A 33 -6.92 18.40 -8.25
CA MET A 33 -7.37 18.85 -9.56
C MET A 33 -8.80 19.41 -9.46
N GLY A 34 -9.64 18.81 -8.61
CA GLY A 34 -10.98 19.34 -8.36
C GLY A 34 -11.82 18.41 -7.49
N LEU A 35 -11.84 17.12 -7.84
CA LEU A 35 -12.65 16.09 -7.21
C LEU A 35 -12.03 14.78 -7.68
N LEU A 1 18.72 -7.47 1.07
CA LEU A 1 17.56 -8.09 1.75
C LEU A 1 18.10 -9.31 2.49
N ARG A 2 17.40 -9.80 3.52
CA ARG A 2 17.82 -10.94 4.31
C ARG A 2 16.57 -11.61 4.89
N ILE A 3 15.62 -11.98 4.01
CA ILE A 3 14.29 -12.42 4.40
C ILE A 3 14.32 -13.83 5.00
N PRO A 4 13.43 -14.16 5.96
CA PRO A 4 13.48 -15.43 6.67
C PRO A 4 13.26 -16.61 5.73
N CYS A 5 12.03 -16.77 5.25
CA CYS A 5 11.58 -17.98 4.56
C CYS A 5 10.37 -17.64 3.69
N CYS A 6 10.45 -16.53 2.96
CA CYS A 6 9.34 -15.91 2.24
C CYS A 6 8.24 -15.48 3.23
N PRO A 7 8.32 -14.25 3.78
CA PRO A 7 7.41 -13.80 4.83
C PRO A 7 6.02 -13.51 4.27
N VAL A 8 5.28 -14.58 3.96
CA VAL A 8 3.89 -14.51 3.52
C VAL A 8 3.04 -13.75 4.53
N ASN A 9 1.98 -13.19 3.99
CA ASN A 9 1.07 -12.21 4.60
C ASN A 9 1.75 -10.88 4.91
N LEU A 10 2.94 -10.88 5.50
CA LEU A 10 3.68 -9.69 5.87
C LEU A 10 4.09 -8.96 4.59
N LYS A 11 4.68 -9.69 3.64
CA LYS A 11 5.13 -9.10 2.39
C LYS A 11 3.94 -8.43 1.71
N ARG A 12 2.83 -9.17 1.55
CA ARG A 12 1.67 -8.63 0.88
C ARG A 12 0.98 -7.53 1.68
N LEU A 13 1.10 -7.55 3.00
CA LEU A 13 0.62 -6.48 3.85
C LEU A 13 1.40 -5.20 3.51
N LEU A 14 2.73 -5.30 3.45
CA LEU A 14 3.57 -4.17 3.08
C LEU A 14 3.16 -3.63 1.71
N VAL A 15 2.98 -4.53 0.74
CA VAL A 15 2.47 -4.14 -0.58
C VAL A 15 1.13 -3.41 -0.43
N VAL A 16 0.19 -3.97 0.34
CA VAL A 16 -1.10 -3.33 0.57
C VAL A 16 -0.90 -1.92 1.15
N VAL A 17 -0.03 -1.76 2.15
CA VAL A 17 0.26 -0.45 2.71
C VAL A 17 0.70 0.51 1.60
N VAL A 18 1.69 0.10 0.79
CA VAL A 18 2.15 0.91 -0.32
C VAL A 18 1.00 1.25 -1.27
N VAL A 19 0.16 0.27 -1.62
CA VAL A 19 -0.96 0.49 -2.51
C VAL A 19 -1.90 1.52 -1.88
N VAL A 20 -2.22 1.38 -0.60
CA VAL A 20 -3.05 2.32 0.13
C VAL A 20 -2.45 3.73 0.03
N VAL A 21 -1.16 3.89 0.30
CA VAL A 21 -0.50 5.18 0.18
C VAL A 21 -0.65 5.74 -1.23
N LEU A 22 -0.38 4.92 -2.25
CA LEU A 22 -0.52 5.31 -3.64
C LEU A 22 -1.97 5.75 -3.91
N VAL A 23 -2.95 4.97 -3.46
CA VAL A 23 -4.36 5.25 -3.63
C VAL A 23 -4.72 6.56 -2.94
N VAL A 24 -4.19 6.82 -1.75
CA VAL A 24 -4.38 8.06 -1.06
C VAL A 24 -3.79 9.20 -1.88
N VAL A 25 -2.55 9.07 -2.39
CA VAL A 25 -1.98 10.05 -3.29
C VAL A 25 -2.87 10.27 -4.52
N VAL A 26 -3.45 9.19 -5.07
CA VAL A 26 -4.33 9.30 -6.21
C VAL A 26 -5.58 10.09 -5.80
N ILE A 27 -6.15 9.79 -4.63
CA ILE A 27 -7.31 10.49 -4.12
C ILE A 27 -6.95 11.96 -3.96
N VAL A 28 -5.77 12.25 -3.42
CA VAL A 28 -5.33 13.62 -3.17
C VAL A 28 -5.20 14.34 -4.52
N GLY A 29 -4.45 13.78 -5.47
CA GLY A 29 -4.35 14.34 -6.81
C GLY A 29 -5.74 14.57 -7.43
N ALA A 30 -6.61 13.56 -7.33
CA ALA A 30 -7.95 13.61 -7.88
C ALA A 30 -8.76 14.74 -7.24
N LEU A 31 -8.63 14.95 -5.93
CA LEU A 31 -9.24 16.04 -5.23
C LEU A 31 -8.67 17.35 -5.78
N LEU A 32 -7.34 17.48 -5.81
CA LEU A 32 -6.66 18.70 -6.26
C LEU A 32 -7.09 19.10 -7.68
N MET A 33 -7.21 18.14 -8.59
CA MET A 33 -7.66 18.43 -9.96
C MET A 33 -9.19 18.62 -10.02
N GLY A 34 -9.92 18.24 -8.97
CA GLY A 34 -11.36 18.09 -8.98
C GLY A 34 -12.11 19.26 -8.35
N LEU A 35 -11.60 19.80 -7.24
CA LEU A 35 -12.29 20.88 -6.52
C LEU A 35 -12.30 22.19 -7.32
N LEU A 1 13.55 -22.68 17.34
CA LEU A 1 12.72 -23.09 16.19
C LEU A 1 13.58 -23.02 14.94
N ARG A 2 13.04 -23.38 13.76
CA ARG A 2 13.80 -23.35 12.50
C ARG A 2 12.82 -23.25 11.31
N ILE A 3 12.04 -22.17 11.27
CA ILE A 3 11.06 -21.91 10.23
C ILE A 3 11.46 -20.64 9.48
N PRO A 4 12.27 -20.74 8.41
CA PRO A 4 12.82 -19.58 7.72
C PRO A 4 11.75 -18.97 6.80
N CYS A 5 10.73 -18.35 7.39
CA CYS A 5 9.63 -17.71 6.67
C CYS A 5 9.17 -16.48 7.47
N CYS A 6 10.13 -15.66 7.88
CA CYS A 6 9.86 -14.38 8.53
C CYS A 6 9.04 -13.43 7.63
N PRO A 7 9.51 -13.06 6.42
CA PRO A 7 8.78 -12.14 5.56
C PRO A 7 7.61 -12.83 4.84
N VAL A 8 6.66 -13.33 5.61
CA VAL A 8 5.42 -13.97 5.15
C VAL A 8 4.37 -12.87 4.91
N ASN A 9 3.14 -13.07 5.39
CA ASN A 9 2.01 -12.14 5.28
C ASN A 9 2.39 -10.67 5.37
N LEU A 10 3.32 -10.32 6.27
CA LEU A 10 3.79 -8.96 6.51
C LEU A 10 4.27 -8.33 5.20
N LYS A 11 4.96 -9.11 4.37
CA LYS A 11 5.42 -8.68 3.07
C LYS A 11 4.22 -8.22 2.23
N ARG A 12 3.20 -9.09 2.10
CA ARG A 12 2.04 -8.80 1.30
C ARG A 12 1.21 -7.67 1.91
N LEU A 13 1.29 -7.52 3.22
CA LEU A 13 0.67 -6.41 3.91
C LEU A 13 1.35 -5.12 3.47
N LEU A 14 2.68 -5.09 3.49
CA LEU A 14 3.44 -3.94 3.01
C LEU A 14 3.06 -3.60 1.56
N VAL A 15 2.99 -4.61 0.69
CA VAL A 15 2.52 -4.40 -0.68
C VAL A 15 1.14 -3.75 -0.68
N VAL A 16 0.18 -4.30 0.07
CA VAL A 16 -1.15 -3.70 0.16
C VAL A 16 -1.05 -2.25 0.65
N VAL A 17 -0.26 -1.97 1.69
CA VAL A 17 -0.06 -0.62 2.19
C VAL A 17 0.43 0.29 1.06
N VAL A 18 1.42 -0.12 0.27
CA VAL A 18 1.88 0.64 -0.88
C VAL A 18 0.71 0.95 -1.83
N VAL A 19 -0.13 -0.05 -2.13
CA VAL A 19 -1.28 0.16 -3.00
C VAL A 19 -2.21 1.20 -2.38
N VAL A 20 -2.51 1.05 -1.09
CA VAL A 20 -3.34 1.99 -0.34
C VAL A 20 -2.76 3.41 -0.44
N VAL A 21 -1.45 3.58 -0.21
CA VAL A 21 -0.77 4.85 -0.33
C VAL A 21 -0.96 5.42 -1.74
N LEU A 22 -0.78 4.59 -2.77
CA LEU A 22 -0.98 5.01 -4.15
C LEU A 22 -2.43 5.49 -4.33
N VAL A 23 -3.40 4.72 -3.85
CA VAL A 23 -4.80 5.07 -3.96
C VAL A 23 -5.08 6.39 -3.24
N VAL A 24 -4.51 6.59 -2.06
CA VAL A 24 -4.62 7.81 -1.33
C VAL A 24 -4.00 8.95 -2.13
N VAL A 25 -2.81 8.77 -2.70
CA VAL A 25 -2.20 9.74 -3.57
C VAL A 25 -3.12 10.06 -4.76
N VAL A 26 -3.80 9.06 -5.31
CA VAL A 26 -4.73 9.27 -6.41
C VAL A 26 -5.88 10.14 -5.90
N ILE A 27 -6.45 9.80 -4.74
CA ILE A 27 -7.54 10.56 -4.15
C ILE A 27 -7.07 12.01 -3.92
N VAL A 28 -5.85 12.17 -3.39
CA VAL A 28 -5.31 13.48 -3.07
C VAL A 28 -5.13 14.28 -4.36
N GLY A 29 -4.50 13.69 -5.37
CA GLY A 29 -4.39 14.29 -6.68
C GLY A 29 -5.77 14.74 -7.19
N ALA A 30 -6.74 13.81 -7.18
CA ALA A 30 -8.09 14.09 -7.64
C ALA A 30 -8.69 15.28 -6.89
N LEU A 31 -8.50 15.35 -5.57
CA LEU A 31 -8.95 16.45 -4.75
C LEU A 31 -8.23 17.74 -5.18
N LEU A 32 -6.91 17.69 -5.37
CA LEU A 32 -6.12 18.87 -5.75
C LEU A 32 -6.56 19.42 -7.11
N MET A 33 -6.66 18.59 -8.15
CA MET A 33 -7.19 19.03 -9.43
C MET A 33 -8.66 19.48 -9.30
N GLY A 34 -9.44 18.75 -8.50
CA GLY A 34 -10.87 18.96 -8.36
C GLY A 34 -11.60 18.11 -9.40
N LEU A 35 -11.33 16.80 -9.36
CA LEU A 35 -11.77 15.81 -10.32
C LEU A 35 -11.33 16.20 -11.74
N LEU A 1 21.06 -23.97 5.86
CA LEU A 1 20.12 -22.85 5.62
C LEU A 1 18.72 -23.10 6.20
N ARG A 2 18.61 -23.81 7.33
CA ARG A 2 17.32 -24.16 7.91
C ARG A 2 16.70 -22.97 8.66
N ILE A 3 16.33 -21.92 7.90
CA ILE A 3 15.84 -20.65 8.43
C ILE A 3 14.38 -20.48 7.99
N PRO A 4 13.39 -20.94 8.79
CA PRO A 4 11.98 -20.83 8.44
C PRO A 4 11.50 -19.37 8.60
N CYS A 5 11.89 -18.52 7.63
CA CYS A 5 11.62 -17.09 7.60
C CYS A 5 10.66 -16.73 6.46
N CYS A 6 9.79 -17.68 6.10
CA CYS A 6 8.94 -17.70 4.92
C CYS A 6 8.14 -16.40 4.84
N PRO A 7 8.54 -15.48 3.94
CA PRO A 7 8.07 -14.11 3.95
C PRO A 7 6.74 -14.01 3.18
N VAL A 8 5.70 -14.62 3.75
CA VAL A 8 4.36 -14.63 3.16
C VAL A 8 3.65 -13.31 3.45
N ASN A 9 2.38 -13.35 3.88
CA ASN A 9 1.47 -12.21 3.79
C ASN A 9 1.92 -10.98 4.60
N LEU A 10 2.91 -11.10 5.48
CA LEU A 10 3.57 -9.93 6.07
C LEU A 10 4.08 -9.03 4.94
N LYS A 11 4.77 -9.63 3.97
CA LYS A 11 5.25 -8.92 2.79
C LYS A 11 4.06 -8.29 2.05
N ARG A 12 3.00 -9.08 1.84
CA ARG A 12 1.83 -8.59 1.12
C ARG A 12 1.11 -7.48 1.88
N LEU A 13 1.23 -7.46 3.21
CA LEU A 13 0.71 -6.38 4.02
C LEU A 13 1.44 -5.10 3.64
N LEU A 14 2.77 -5.16 3.57
CA LEU A 14 3.58 -4.03 3.13
C LEU A 14 3.13 -3.57 1.75
N VAL A 15 2.94 -4.51 0.82
CA VAL A 15 2.42 -4.19 -0.51
C VAL A 15 1.07 -3.46 -0.39
N VAL A 16 0.15 -3.99 0.42
CA VAL A 16 -1.14 -3.35 0.65
C VAL A 16 -0.93 -1.93 1.17
N VAL A 17 -0.04 -1.70 2.14
CA VAL A 17 0.27 -0.37 2.61
C VAL A 17 0.69 0.53 1.44
N VAL A 18 1.63 0.08 0.61
CA VAL A 18 2.05 0.83 -0.56
C VAL A 18 0.86 1.14 -1.47
N VAL A 19 0.00 0.17 -1.74
CA VAL A 19 -1.17 0.37 -2.59
C VAL A 19 -2.06 1.44 -1.96
N VAL A 20 -2.33 1.33 -0.66
CA VAL A 20 -3.10 2.30 0.09
C VAL A 20 -2.50 3.70 -0.08
N VAL A 21 -1.19 3.86 0.12
CA VAL A 21 -0.52 5.12 -0.05
C VAL A 21 -0.72 5.65 -1.47
N LEU A 22 -0.55 4.80 -2.49
CA LEU A 22 -0.77 5.16 -3.88
C LEU A 22 -2.22 5.63 -4.07
N VAL A 23 -3.19 4.89 -3.54
CA VAL A 23 -4.59 5.21 -3.66
C VAL A 23 -4.88 6.55 -2.97
N VAL A 24 -4.28 6.80 -1.81
CA VAL A 24 -4.41 8.04 -1.12
C VAL A 24 -3.82 9.17 -1.98
N VAL A 25 -2.62 8.99 -2.53
CA VAL A 25 -2.05 9.93 -3.46
C VAL A 25 -2.97 10.18 -4.66
N VAL A 26 -3.63 9.14 -5.16
CA VAL A 26 -4.56 9.27 -6.27
C VAL A 26 -5.75 10.13 -5.80
N ILE A 27 -6.29 9.84 -4.61
CA ILE A 27 -7.40 10.59 -4.06
C ILE A 27 -6.98 12.06 -3.90
N VAL A 28 -5.76 12.29 -3.40
CA VAL A 28 -5.25 13.63 -3.16
C VAL A 28 -5.12 14.36 -4.49
N GLY A 29 -4.45 13.74 -5.47
CA GLY A 29 -4.35 14.29 -6.81
C GLY A 29 -5.73 14.62 -7.37
N ALA A 30 -6.67 13.68 -7.30
CA ALA A 30 -8.03 13.87 -7.78
C ALA A 30 -8.69 15.07 -7.09
N LEU A 31 -8.54 15.19 -5.76
CA LEU A 31 -9.05 16.30 -5.00
C LEU A 31 -8.42 17.60 -5.53
N LEU A 32 -7.10 17.64 -5.69
CA LEU A 32 -6.41 18.85 -6.16
C LEU A 32 -6.88 19.23 -7.57
N MET A 33 -7.05 18.23 -8.44
CA MET A 33 -7.54 18.45 -9.81
C MET A 33 -8.96 18.99 -9.79
N GLY A 34 -9.85 18.34 -9.04
CA GLY A 34 -11.27 18.64 -9.02
C GLY A 34 -12.05 17.33 -8.95
N LEU A 35 -12.30 16.87 -7.71
CA LEU A 35 -13.22 15.77 -7.47
C LEU A 35 -14.66 16.19 -7.75
N LEU A 1 10.45 -23.95 -9.05
CA LEU A 1 10.37 -22.74 -8.21
C LEU A 1 11.29 -22.93 -7.01
N ARG A 2 11.55 -21.87 -6.23
CA ARG A 2 12.33 -21.97 -5.00
C ARG A 2 12.03 -20.77 -4.10
N ILE A 3 10.75 -20.63 -3.71
CA ILE A 3 10.30 -19.62 -2.77
C ILE A 3 10.72 -20.02 -1.35
N PRO A 4 10.98 -19.07 -0.45
CA PRO A 4 11.42 -19.36 0.91
C PRO A 4 10.32 -20.07 1.72
N CYS A 5 9.06 -19.71 1.49
CA CYS A 5 7.90 -20.32 2.13
C CYS A 5 7.91 -20.08 3.64
N CYS A 6 8.15 -18.81 3.99
CA CYS A 6 8.15 -18.36 5.38
C CYS A 6 7.70 -16.89 5.49
N PRO A 7 8.44 -15.89 4.96
CA PRO A 7 8.00 -14.50 4.95
C PRO A 7 6.87 -14.30 3.92
N VAL A 8 5.71 -14.89 4.19
CA VAL A 8 4.49 -14.79 3.41
C VAL A 8 3.41 -14.21 4.32
N ASN A 9 2.32 -13.70 3.74
CA ASN A 9 1.17 -13.10 4.41
C ASN A 9 1.48 -11.73 5.04
N LEU A 10 2.60 -11.61 5.75
CA LEU A 10 3.14 -10.36 6.24
C LEU A 10 3.58 -9.51 5.06
N LYS A 11 4.36 -10.07 4.13
CA LYS A 11 5.02 -9.29 3.10
C LYS A 11 3.99 -8.54 2.24
N ARG A 12 2.87 -9.20 1.96
CA ARG A 12 1.80 -8.60 1.17
C ARG A 12 1.16 -7.41 1.90
N LEU A 13 1.21 -7.37 3.23
CA LEU A 13 0.67 -6.26 4.00
C LEU A 13 1.42 -5.00 3.62
N LEU A 14 2.75 -5.08 3.55
CA LEU A 14 3.58 -3.96 3.14
C LEU A 14 3.18 -3.49 1.74
N VAL A 15 3.01 -4.44 0.81
CA VAL A 15 2.55 -4.11 -0.54
C VAL A 15 1.21 -3.38 -0.48
N VAL A 16 0.25 -3.91 0.29
CA VAL A 16 -1.04 -3.27 0.49
C VAL A 16 -0.84 -1.85 1.02
N VAL A 17 0.01 -1.64 2.03
CA VAL A 17 0.30 -0.31 2.53
C VAL A 17 0.77 0.60 1.39
N VAL A 18 1.75 0.16 0.60
CA VAL A 18 2.23 0.93 -0.54
C VAL A 18 1.08 1.26 -1.50
N VAL A 19 0.23 0.28 -1.83
CA VAL A 19 -0.90 0.51 -2.71
C VAL A 19 -1.82 1.56 -2.10
N VAL A 20 -2.14 1.42 -0.82
CA VAL A 20 -2.95 2.38 -0.08
C VAL A 20 -2.35 3.78 -0.18
N VAL A 21 -1.04 3.93 0.06
CA VAL A 21 -0.36 5.22 -0.05
C VAL A 21 -0.52 5.78 -1.47
N LEU A 22 -0.31 4.96 -2.49
CA LEU A 22 -0.48 5.36 -3.88
C LEU A 22 -1.92 5.82 -4.10
N VAL A 23 -2.90 5.05 -3.64
CA VAL A 23 -4.31 5.35 -3.78
C VAL A 23 -4.63 6.66 -3.07
N VAL A 24 -4.05 6.91 -1.90
CA VAL A 24 -4.20 8.14 -1.19
C VAL A 24 -3.63 9.29 -2.02
N VAL A 25 -2.42 9.15 -2.56
CA VAL A 25 -1.86 10.13 -3.48
C VAL A 25 -2.80 10.37 -4.67
N VAL A 26 -3.41 9.31 -5.20
CA VAL A 26 -4.33 9.44 -6.32
C VAL A 26 -5.55 10.24 -5.84
N ILE A 27 -6.08 9.92 -4.66
CA ILE A 27 -7.21 10.63 -4.09
C ILE A 27 -6.84 12.10 -3.90
N VAL A 28 -5.62 12.37 -3.44
CA VAL A 28 -5.16 13.73 -3.24
C VAL A 28 -5.12 14.45 -4.59
N GLY A 29 -4.41 13.90 -5.57
CA GLY A 29 -4.36 14.48 -6.90
C GLY A 29 -5.77 14.72 -7.46
N ALA A 30 -6.65 13.73 -7.33
CA ALA A 30 -8.04 13.84 -7.72
C ALA A 30 -8.71 15.03 -7.03
N LEU A 31 -8.53 15.18 -5.71
CA LEU A 31 -9.08 16.26 -4.94
C LEU A 31 -8.57 17.59 -5.51
N LEU A 32 -7.25 17.75 -5.74
CA LEU A 32 -6.74 18.94 -6.39
C LEU A 32 -7.40 19.18 -7.76
N MET A 33 -7.54 18.14 -8.58
CA MET A 33 -8.18 18.25 -9.88
C MET A 33 -9.66 18.64 -9.76
N GLY A 34 -10.31 18.19 -8.68
CA GLY A 34 -11.72 18.38 -8.40
C GLY A 34 -12.54 17.16 -8.78
N LEU A 35 -12.06 15.97 -8.41
CA LEU A 35 -12.75 14.71 -8.50
C LEU A 35 -12.63 14.05 -7.13
N LEU A 1 10.26 -8.18 22.01
CA LEU A 1 10.63 -8.78 20.72
C LEU A 1 9.54 -9.81 20.42
N ARG A 2 9.12 -9.99 19.17
CA ARG A 2 8.17 -11.01 18.74
C ARG A 2 8.79 -11.73 17.55
N ILE A 3 8.52 -13.03 17.40
CA ILE A 3 9.12 -13.90 16.42
C ILE A 3 8.05 -14.47 15.46
N PRO A 4 7.47 -13.65 14.57
CA PRO A 4 6.53 -14.16 13.59
C PRO A 4 7.28 -15.09 12.62
N CYS A 5 6.71 -16.27 12.37
CA CYS A 5 7.30 -17.27 11.47
C CYS A 5 6.55 -17.29 10.12
N CYS A 6 5.77 -16.25 9.85
CA CYS A 6 4.92 -16.12 8.68
C CYS A 6 5.47 -14.99 7.79
N PRO A 7 6.46 -15.26 6.91
CA PRO A 7 6.90 -14.26 5.94
C PRO A 7 5.77 -13.97 4.95
N VAL A 8 5.16 -15.04 4.43
CA VAL A 8 3.93 -14.92 3.65
C VAL A 8 2.84 -14.33 4.56
N ASN A 9 1.83 -13.74 3.94
CA ASN A 9 0.75 -13.00 4.59
C ASN A 9 1.19 -11.68 5.21
N LEU A 10 2.40 -11.59 5.76
CA LEU A 10 2.99 -10.34 6.22
C LEU A 10 3.62 -9.59 5.04
N LYS A 11 4.37 -10.26 4.15
CA LYS A 11 5.10 -9.54 3.11
C LYS A 11 4.14 -8.77 2.20
N ARG A 12 2.94 -9.33 1.98
CA ARG A 12 1.90 -8.66 1.20
C ARG A 12 1.43 -7.37 1.88
N LEU A 13 1.53 -7.29 3.22
CA LEU A 13 1.00 -6.16 3.96
C LEU A 13 1.74 -4.90 3.54
N LEU A 14 3.07 -5.00 3.40
CA LEU A 14 3.87 -3.89 2.92
C LEU A 14 3.38 -3.42 1.55
N VAL A 15 3.12 -4.36 0.64
CA VAL A 15 2.59 -4.05 -0.68
C VAL A 15 1.25 -3.33 -0.52
N VAL A 16 0.36 -3.85 0.34
CA VAL A 16 -0.92 -3.22 0.62
C VAL A 16 -0.69 -1.80 1.12
N VAL A 17 0.23 -1.57 2.05
CA VAL A 17 0.53 -0.24 2.54
C VAL A 17 0.91 0.67 1.37
N VAL A 18 1.84 0.23 0.52
CA VAL A 18 2.24 0.99 -0.64
C VAL A 18 1.03 1.30 -1.54
N VAL A 19 0.18 0.31 -1.81
CA VAL A 19 -0.98 0.50 -2.64
C VAL A 19 -1.89 1.55 -2.00
N VAL A 20 -2.15 1.42 -0.70
CA VAL A 20 -2.93 2.39 0.05
C VAL A 20 -2.35 3.80 -0.11
N VAL A 21 -1.05 3.96 0.09
CA VAL A 21 -0.39 5.25 -0.06
C VAL A 21 -0.59 5.80 -1.48
N LEU A 22 -0.37 4.96 -2.50
CA LEU A 22 -0.56 5.34 -3.88
C LEU A 22 -2.01 5.78 -4.10
N VAL A 23 -2.98 5.00 -3.61
CA VAL A 23 -4.39 5.28 -3.75
C VAL A 23 -4.73 6.59 -3.04
N VAL A 24 -4.15 6.85 -1.87
CA VAL A 24 -4.32 8.09 -1.18
C VAL A 24 -3.75 9.24 -2.02
N VAL A 25 -2.53 9.11 -2.55
CA VAL A 25 -1.97 10.09 -3.46
C VAL A 25 -2.91 10.32 -4.66
N VAL A 26 -3.51 9.25 -5.18
CA VAL A 26 -4.42 9.37 -6.31
C VAL A 26 -5.66 10.15 -5.86
N ILE A 27 -6.22 9.81 -4.70
CA ILE A 27 -7.39 10.49 -4.16
C ILE A 27 -7.04 11.97 -3.99
N VAL A 28 -5.85 12.26 -3.45
CA VAL A 28 -5.42 13.62 -3.19
C VAL A 28 -5.29 14.38 -4.51
N GLY A 29 -4.51 13.85 -5.46
CA GLY A 29 -4.40 14.49 -6.77
C GLY A 29 -5.76 14.70 -7.42
N ALA A 30 -6.59 13.66 -7.43
CA ALA A 30 -7.94 13.72 -7.97
C ALA A 30 -8.77 14.82 -7.31
N LEU A 31 -8.68 14.94 -5.98
CA LEU A 31 -9.36 15.97 -5.23
C LEU A 31 -8.83 17.33 -5.69
N LEU A 32 -7.50 17.53 -5.67
CA LEU A 32 -6.90 18.81 -6.04
C LEU A 32 -7.28 19.22 -7.46
N MET A 33 -7.35 18.25 -8.39
CA MET A 33 -7.75 18.47 -9.77
C MET A 33 -9.29 18.47 -9.93
N GLY A 34 -10.04 18.42 -8.84
CA GLY A 34 -11.48 18.21 -8.81
C GLY A 34 -12.23 19.35 -8.12
N LEU A 35 -11.95 19.57 -6.82
CA LEU A 35 -12.70 20.47 -5.97
C LEU A 35 -11.70 21.14 -5.03
N LEU A 1 17.16 -10.07 -2.12
CA LEU A 1 15.78 -10.13 -1.59
C LEU A 1 15.39 -8.71 -1.22
N ARG A 2 14.11 -8.45 -0.94
CA ARG A 2 13.65 -7.28 -0.21
C ARG A 2 12.93 -7.82 1.03
N ILE A 3 12.79 -6.98 2.07
CA ILE A 3 12.16 -7.34 3.33
C ILE A 3 12.74 -8.65 3.89
N PRO A 4 14.02 -8.66 4.32
CA PRO A 4 14.65 -9.82 4.93
C PRO A 4 14.13 -10.00 6.37
N CYS A 5 12.83 -10.28 6.50
CA CYS A 5 12.11 -10.37 7.76
C CYS A 5 10.86 -11.21 7.47
N CYS A 6 11.10 -12.43 6.97
CA CYS A 6 10.07 -13.42 6.65
C CYS A 6 9.04 -12.85 5.66
N PRO A 7 9.43 -12.66 4.38
CA PRO A 7 8.62 -11.94 3.40
C PRO A 7 7.44 -12.80 2.89
N VAL A 8 6.45 -13.03 3.76
CA VAL A 8 5.22 -13.76 3.49
C VAL A 8 4.02 -12.81 3.62
N ASN A 9 2.96 -13.22 4.31
CA ASN A 9 1.77 -12.40 4.59
C ASN A 9 2.13 -10.95 4.91
N LEU A 10 3.12 -10.73 5.77
CA LEU A 10 3.60 -9.40 6.15
C LEU A 10 4.03 -8.62 4.92
N LYS A 11 4.70 -9.31 3.99
CA LYS A 11 5.19 -8.71 2.76
C LYS A 11 4.01 -8.23 1.92
N ARG A 12 3.02 -9.09 1.68
CA ARG A 12 1.87 -8.66 0.89
C ARG A 12 1.03 -7.63 1.63
N LEU A 13 1.06 -7.64 2.96
CA LEU A 13 0.45 -6.59 3.77
C LEU A 13 1.17 -5.27 3.49
N LEU A 14 2.51 -5.28 3.50
CA LEU A 14 3.30 -4.11 3.14
C LEU A 14 2.93 -3.63 1.74
N VAL A 15 2.82 -4.54 0.78
CA VAL A 15 2.36 -4.20 -0.56
C VAL A 15 0.99 -3.52 -0.49
N VAL A 16 0.03 -4.09 0.24
CA VAL A 16 -1.27 -3.46 0.42
C VAL A 16 -1.10 -2.04 0.97
N VAL A 17 -0.27 -1.84 2.01
CA VAL A 17 0.02 -0.52 2.52
C VAL A 17 0.53 0.41 1.41
N VAL A 18 1.50 -0.03 0.61
CA VAL A 18 1.97 0.73 -0.54
C VAL A 18 0.81 1.09 -1.48
N VAL A 19 -0.07 0.13 -1.77
CA VAL A 19 -1.22 0.39 -2.63
C VAL A 19 -2.09 1.47 -1.97
N VAL A 20 -2.36 1.35 -0.68
CA VAL A 20 -3.12 2.34 0.07
C VAL A 20 -2.48 3.72 -0.09
N VAL A 21 -1.17 3.85 0.12
CA VAL A 21 -0.46 5.10 -0.05
C VAL A 21 -0.65 5.64 -1.46
N LEU A 22 -0.47 4.80 -2.49
CA LEU A 22 -0.67 5.18 -3.88
C LEU A 22 -2.10 5.68 -4.07
N VAL A 23 -3.09 4.94 -3.56
CA VAL A 23 -4.49 5.27 -3.68
C VAL A 23 -4.77 6.60 -2.98
N VAL A 24 -4.16 6.85 -1.82
CA VAL A 24 -4.28 8.10 -1.12
C VAL A 24 -3.69 9.21 -1.97
N VAL A 25 -2.48 9.04 -2.52
CA VAL A 25 -1.91 10.00 -3.43
C VAL A 25 -2.84 10.25 -4.62
N VAL A 26 -3.48 9.20 -5.14
CA VAL A 26 -4.40 9.33 -6.26
C VAL A 26 -5.61 10.15 -5.80
N ILE A 27 -6.16 9.85 -4.62
CA ILE A 27 -7.29 10.57 -4.08
C ILE A 27 -6.91 12.04 -3.93
N VAL A 28 -5.70 12.30 -3.41
CA VAL A 28 -5.23 13.65 -3.16
C VAL A 28 -5.10 14.38 -4.49
N GLY A 29 -4.34 13.82 -5.45
CA GLY A 29 -4.22 14.42 -6.77
C GLY A 29 -5.58 14.68 -7.41
N ALA A 30 -6.47 13.67 -7.36
CA ALA A 30 -7.80 13.77 -7.89
C ALA A 30 -8.58 14.91 -7.23
N LEU A 31 -8.48 15.07 -5.92
CA LEU A 31 -9.14 16.11 -5.19
C LEU A 31 -8.53 17.46 -5.58
N LEU A 32 -7.21 17.58 -5.67
CA LEU A 32 -6.57 18.82 -6.11
C LEU A 32 -7.07 19.19 -7.52
N MET A 33 -7.17 18.21 -8.41
CA MET A 33 -7.64 18.42 -9.76
C MET A 33 -9.14 18.77 -9.80
N GLY A 34 -9.95 18.07 -9.00
CA GLY A 34 -11.40 18.06 -9.05
C GLY A 34 -12.01 18.42 -7.70
N LEU A 35 -11.54 19.52 -7.12
CA LEU A 35 -12.14 20.21 -5.99
C LEU A 35 -13.65 20.39 -6.20
N LEU A 1 11.71 -25.34 3.49
CA LEU A 1 12.83 -26.12 2.95
C LEU A 1 12.45 -26.52 1.52
N ARG A 2 13.06 -25.83 0.54
CA ARG A 2 12.53 -25.73 -0.81
C ARG A 2 11.20 -24.94 -0.72
N ILE A 3 10.58 -24.63 -1.87
CA ILE A 3 9.36 -23.84 -1.95
C ILE A 3 9.57 -22.49 -1.23
N PRO A 4 10.26 -21.52 -1.85
CA PRO A 4 10.55 -20.23 -1.25
C PRO A 4 9.29 -19.35 -1.26
N CYS A 5 8.28 -19.75 -0.49
CA CYS A 5 6.99 -19.08 -0.39
C CYS A 5 6.92 -18.32 0.94
N CYS A 6 8.09 -17.89 1.43
CA CYS A 6 8.22 -17.04 2.60
C CYS A 6 7.43 -15.72 2.52
N PRO A 7 7.53 -14.92 1.44
CA PRO A 7 7.04 -13.55 1.45
C PRO A 7 5.52 -13.45 1.26
N VAL A 8 4.75 -13.95 2.23
CA VAL A 8 3.29 -13.89 2.23
C VAL A 8 2.81 -12.67 3.01
N ASN A 9 1.83 -12.82 3.89
CA ASN A 9 1.05 -11.76 4.55
C ASN A 9 1.82 -10.88 5.55
N LEU A 10 3.12 -10.67 5.32
CA LEU A 10 3.93 -9.60 5.85
C LEU A 10 4.33 -8.76 4.63
N LYS A 11 4.99 -9.38 3.65
CA LYS A 11 5.36 -8.75 2.40
C LYS A 11 4.12 -8.21 1.71
N ARG A 12 3.10 -9.06 1.54
CA ARG A 12 1.86 -8.66 0.90
C ARG A 12 1.13 -7.61 1.72
N LEU A 13 1.35 -7.60 3.04
CA LEU A 13 0.82 -6.56 3.90
C LEU A 13 1.47 -5.23 3.52
N LEU A 14 2.80 -5.22 3.42
CA LEU A 14 3.54 -4.05 2.98
C LEU A 14 3.06 -3.58 1.60
N VAL A 15 2.89 -4.52 0.67
CA VAL A 15 2.32 -4.19 -0.64
C VAL A 15 0.97 -3.51 -0.47
N VAL A 16 0.06 -4.08 0.33
CA VAL A 16 -1.23 -3.46 0.57
C VAL A 16 -1.05 -2.05 1.13
N VAL A 17 -0.19 -1.85 2.13
CA VAL A 17 0.09 -0.53 2.66
C VAL A 17 0.52 0.42 1.54
N VAL A 18 1.50 0.02 0.72
CA VAL A 18 1.96 0.81 -0.41
C VAL A 18 0.80 1.14 -1.35
N VAL A 19 -0.05 0.16 -1.67
CA VAL A 19 -1.19 0.38 -2.55
C VAL A 19 -2.11 1.42 -1.92
N VAL A 20 -2.42 1.27 -0.63
CA VAL A 20 -3.24 2.22 0.11
C VAL A 20 -2.64 3.63 -0.01
N VAL A 21 -1.34 3.78 0.25
CA VAL A 21 -0.65 5.05 0.15
C VAL A 21 -0.78 5.63 -1.27
N LEU A 22 -0.55 4.81 -2.29
CA LEU A 22 -0.67 5.21 -3.69
C LEU A 22 -2.11 5.67 -3.95
N VAL A 23 -3.11 4.90 -3.51
CA VAL A 23 -4.51 5.22 -3.68
C VAL A 23 -4.84 6.54 -2.98
N VAL A 24 -4.30 6.77 -1.77
CA VAL A 24 -4.45 8.01 -1.08
C VAL A 24 -3.83 9.14 -1.90
N VAL A 25 -2.61 8.99 -2.40
CA VAL A 25 -2.01 9.95 -3.29
C VAL A 25 -2.89 10.21 -4.52
N VAL A 26 -3.50 9.16 -5.08
CA VAL A 26 -4.39 9.31 -6.22
C VAL A 26 -5.60 10.14 -5.79
N ILE A 27 -6.19 9.84 -4.63
CA ILE A 27 -7.31 10.57 -4.10
C ILE A 27 -6.91 12.04 -3.91
N VAL A 28 -5.72 12.29 -3.38
CA VAL A 28 -5.22 13.64 -3.15
C VAL A 28 -5.09 14.35 -4.50
N GLY A 29 -4.39 13.75 -5.46
CA GLY A 29 -4.27 14.30 -6.80
C GLY A 29 -5.64 14.60 -7.41
N ALA A 30 -6.58 13.65 -7.30
CA ALA A 30 -7.93 13.82 -7.77
C ALA A 30 -8.60 15.03 -7.12
N LEU A 31 -8.50 15.15 -5.79
CA LEU A 31 -9.05 16.26 -5.06
C LEU A 31 -8.43 17.57 -5.55
N LEU A 32 -7.11 17.60 -5.73
CA LEU A 32 -6.43 18.80 -6.22
C LEU A 32 -6.91 19.17 -7.64
N MET A 33 -7.06 18.16 -8.51
CA MET A 33 -7.59 18.36 -9.86
C MET A 33 -9.04 18.85 -9.81
N GLY A 34 -9.82 18.33 -8.87
CA GLY A 34 -11.25 18.55 -8.74
C GLY A 34 -12.01 17.34 -9.28
N LEU A 35 -11.72 16.16 -8.73
CA LEU A 35 -12.34 14.90 -9.06
C LEU A 35 -12.33 14.06 -7.77
N LEU A 1 5.77 -5.38 17.03
CA LEU A 1 4.65 -4.97 16.16
C LEU A 1 4.88 -5.25 14.67
N ARG A 2 5.87 -6.07 14.34
CA ARG A 2 6.16 -6.58 13.02
C ARG A 2 6.85 -7.93 13.25
N ILE A 3 7.07 -8.70 12.18
CA ILE A 3 7.69 -10.02 12.20
C ILE A 3 7.11 -10.91 13.31
N PRO A 4 5.89 -11.43 13.13
CA PRO A 4 5.37 -12.53 13.94
C PRO A 4 6.06 -13.82 13.47
N CYS A 5 5.41 -14.98 13.62
CA CYS A 5 5.96 -16.27 13.21
C CYS A 5 5.30 -16.72 11.90
N CYS A 6 4.84 -15.75 11.11
CA CYS A 6 4.27 -15.94 9.79
C CYS A 6 4.68 -14.74 8.91
N PRO A 7 5.80 -14.82 8.17
CA PRO A 7 6.25 -13.73 7.31
C PRO A 7 5.34 -13.61 6.07
N VAL A 8 4.80 -14.73 5.61
CA VAL A 8 3.83 -14.73 4.52
C VAL A 8 2.63 -13.89 4.94
N ASN A 9 1.96 -13.28 3.97
CA ASN A 9 0.87 -12.31 4.13
C ASN A 9 1.36 -10.99 4.72
N LEU A 10 2.17 -11.01 5.78
CA LEU A 10 2.76 -9.81 6.37
C LEU A 10 3.67 -9.12 5.35
N LYS A 11 4.46 -9.91 4.61
CA LYS A 11 5.25 -9.38 3.50
C LYS A 11 4.30 -8.65 2.53
N ARG A 12 3.19 -9.30 2.18
CA ARG A 12 2.22 -8.74 1.24
C ARG A 12 1.51 -7.52 1.83
N LEU A 13 1.42 -7.45 3.16
CA LEU A 13 0.80 -6.30 3.84
C LEU A 13 1.59 -5.04 3.52
N LEU A 14 2.92 -5.14 3.45
CA LEU A 14 3.76 -4.03 3.06
C LEU A 14 3.37 -3.53 1.66
N VAL A 15 3.18 -4.45 0.72
CA VAL A 15 2.73 -4.12 -0.61
C VAL A 15 1.36 -3.43 -0.53
N VAL A 16 0.44 -3.99 0.27
CA VAL A 16 -0.86 -3.37 0.47
C VAL A 16 -0.69 -1.94 0.99
N VAL A 17 0.18 -1.69 1.97
CA VAL A 17 0.45 -0.36 2.47
C VAL A 17 0.89 0.56 1.31
N VAL A 18 1.85 0.11 0.50
CA VAL A 18 2.29 0.87 -0.66
C VAL A 18 1.11 1.18 -1.58
N VAL A 19 0.26 0.19 -1.87
CA VAL A 19 -0.92 0.39 -2.71
C VAL A 19 -1.82 1.43 -2.07
N VAL A 20 -2.09 1.32 -0.78
CA VAL A 20 -2.88 2.28 -0.02
C VAL A 20 -2.31 3.69 -0.20
N VAL A 21 -1.00 3.86 -0.01
CA VAL A 21 -0.36 5.15 -0.20
C VAL A 21 -0.60 5.68 -1.61
N LEU A 22 -0.41 4.83 -2.63
CA LEU A 22 -0.64 5.19 -4.01
C LEU A 22 -2.11 5.62 -4.19
N VAL A 23 -3.05 4.86 -3.65
CA VAL A 23 -4.47 5.12 -3.75
C VAL A 23 -4.79 6.44 -3.06
N VAL A 24 -4.20 6.73 -1.91
CA VAL A 24 -4.36 7.96 -1.22
C VAL A 24 -3.81 9.11 -2.07
N VAL A 25 -2.61 8.97 -2.64
CA VAL A 25 -2.09 9.93 -3.59
C VAL A 25 -3.05 10.15 -4.75
N VAL A 26 -3.66 9.08 -5.26
CA VAL A 26 -4.61 9.18 -6.35
C VAL A 26 -5.82 9.98 -5.88
N ILE A 27 -6.34 9.68 -4.69
CA ILE A 27 -7.47 10.39 -4.12
C ILE A 27 -7.11 11.87 -3.97
N VAL A 28 -5.89 12.14 -3.48
CA VAL A 28 -5.44 13.50 -3.22
C VAL A 28 -5.33 14.26 -4.54
N GLY A 29 -4.66 13.68 -5.54
CA GLY A 29 -4.62 14.27 -6.87
C GLY A 29 -6.02 14.51 -7.41
N ALA A 30 -6.88 13.50 -7.37
CA ALA A 30 -8.26 13.62 -7.84
C ALA A 30 -8.98 14.76 -7.15
N LEU A 31 -8.78 14.92 -5.84
CA LEU A 31 -9.31 16.01 -5.07
C LEU A 31 -8.75 17.33 -5.64
N LEU A 32 -7.44 17.54 -5.62
CA LEU A 32 -6.89 18.86 -5.98
C LEU A 32 -7.12 19.24 -7.43
N MET A 33 -7.22 18.25 -8.33
CA MET A 33 -7.63 18.49 -9.71
C MET A 33 -9.05 19.07 -9.77
N GLY A 34 -9.92 18.70 -8.82
CA GLY A 34 -11.26 19.22 -8.72
C GLY A 34 -11.28 20.54 -7.95
N LEU A 35 -10.94 20.52 -6.66
CA LEU A 35 -11.16 21.58 -5.72
C LEU A 35 -10.09 21.53 -4.62
N LEU A 1 -1.15 -21.97 15.23
CA LEU A 1 -0.32 -20.89 15.80
C LEU A 1 0.62 -20.43 14.69
N ARG A 2 1.61 -19.59 14.98
CA ARG A 2 2.55 -19.07 14.01
C ARG A 2 3.87 -18.81 14.73
N ILE A 3 4.99 -19.32 14.20
CA ILE A 3 6.30 -19.08 14.75
C ILE A 3 6.74 -17.64 14.44
N PRO A 4 7.48 -16.97 15.35
CA PRO A 4 7.98 -15.63 15.12
C PRO A 4 9.19 -15.65 14.18
N CYS A 5 8.99 -16.15 12.96
CA CYS A 5 10.04 -16.36 11.97
C CYS A 5 9.36 -16.70 10.65
N CYS A 6 8.51 -15.79 10.16
CA CYS A 6 7.75 -15.98 8.93
C CYS A 6 7.26 -14.64 8.39
N PRO A 7 7.91 -14.06 7.35
CA PRO A 7 7.50 -12.80 6.75
C PRO A 7 6.37 -12.98 5.73
N VAL A 8 5.98 -14.22 5.42
CA VAL A 8 4.93 -14.49 4.45
C VAL A 8 3.63 -13.84 4.95
N ASN A 9 2.76 -13.49 4.01
CA ASN A 9 1.59 -12.62 4.16
C ASN A 9 1.90 -11.19 4.63
N LEU A 10 2.75 -10.99 5.65
CA LEU A 10 3.19 -9.69 6.11
C LEU A 10 3.85 -8.91 4.96
N LYS A 11 4.63 -9.60 4.12
CA LYS A 11 5.28 -8.95 2.99
C LYS A 11 4.19 -8.31 2.11
N ARG A 12 3.17 -9.08 1.74
CA ARG A 12 2.10 -8.55 0.91
C ARG A 12 1.24 -7.53 1.66
N LEU A 13 1.15 -7.64 2.99
CA LEU A 13 0.54 -6.61 3.82
C LEU A 13 1.26 -5.29 3.56
N LEU A 14 2.60 -5.30 3.62
CA LEU A 14 3.40 -4.12 3.31
C LEU A 14 3.07 -3.61 1.90
N VAL A 15 3.01 -4.50 0.92
CA VAL A 15 2.60 -4.13 -0.44
C VAL A 15 1.21 -3.45 -0.40
N VAL A 16 0.24 -4.03 0.30
CA VAL A 16 -1.08 -3.42 0.44
C VAL A 16 -0.95 -2.01 1.03
N VAL A 17 -0.15 -1.81 2.08
CA VAL A 17 0.11 -0.48 2.60
C VAL A 17 0.60 0.46 1.49
N VAL A 18 1.61 0.04 0.71
CA VAL A 18 2.10 0.82 -0.40
C VAL A 18 0.95 1.16 -1.38
N VAL A 19 0.12 0.18 -1.73
CA VAL A 19 -1.01 0.41 -2.62
C VAL A 19 -1.94 1.46 -2.01
N VAL A 20 -2.25 1.32 -0.72
CA VAL A 20 -3.08 2.28 0.01
C VAL A 20 -2.48 3.69 -0.10
N VAL A 21 -1.18 3.84 0.15
CA VAL A 21 -0.50 5.11 0.01
C VAL A 21 -0.67 5.66 -1.41
N LEU A 22 -0.48 4.82 -2.44
CA LEU A 22 -0.69 5.20 -3.82
C LEU A 22 -2.14 5.67 -4.02
N VAL A 23 -3.12 4.92 -3.51
CA VAL A 23 -4.52 5.24 -3.62
C VAL A 23 -4.81 6.58 -2.94
N VAL A 24 -4.21 6.84 -1.78
CA VAL A 24 -4.33 8.10 -1.11
C VAL A 24 -3.75 9.20 -1.98
N VAL A 25 -2.54 9.03 -2.54
CA VAL A 25 -1.99 9.97 -3.50
C VAL A 25 -2.95 10.20 -4.67
N VAL A 26 -3.59 9.14 -5.17
CA VAL A 26 -4.54 9.26 -6.26
C VAL A 26 -5.72 10.11 -5.79
N ILE A 27 -6.23 9.85 -4.59
CA ILE A 27 -7.32 10.62 -4.01
C ILE A 27 -6.89 12.08 -3.90
N VAL A 28 -5.66 12.33 -3.45
CA VAL A 28 -5.15 13.69 -3.27
C VAL A 28 -5.08 14.39 -4.62
N GLY A 29 -4.44 13.76 -5.61
CA GLY A 29 -4.40 14.30 -6.97
C GLY A 29 -5.82 14.58 -7.48
N ALA A 30 -6.72 13.60 -7.35
CA ALA A 30 -8.10 13.74 -7.78
C ALA A 30 -8.76 14.95 -7.12
N LEU A 31 -8.56 15.14 -5.81
CA LEU A 31 -9.07 16.27 -5.08
C LEU A 31 -8.47 17.56 -5.67
N LEU A 32 -7.15 17.63 -5.84
CA LEU A 32 -6.48 18.81 -6.38
C LEU A 32 -7.02 19.18 -7.76
N MET A 33 -7.24 18.18 -8.62
CA MET A 33 -7.82 18.42 -9.95
C MET A 33 -9.31 18.78 -9.84
N GLY A 34 -10.02 18.19 -8.88
CA GLY A 34 -11.47 18.29 -8.77
C GLY A 34 -11.95 19.58 -8.12
N LEU A 35 -11.21 20.13 -7.15
CA LEU A 35 -11.62 21.30 -6.39
C LEU A 35 -11.65 22.57 -7.25
N LEU A 1 18.27 -13.31 12.24
CA LEU A 1 17.35 -13.95 11.28
C LEU A 1 17.89 -13.66 9.89
N ARG A 2 17.57 -14.48 8.88
CA ARG A 2 17.86 -14.23 7.48
C ARG A 2 16.85 -15.05 6.67
N ILE A 3 16.89 -14.90 5.34
CA ILE A 3 16.04 -15.58 4.34
C ILE A 3 14.56 -15.19 4.49
N PRO A 4 13.89 -14.71 3.42
CA PRO A 4 12.49 -14.31 3.48
C PRO A 4 11.56 -15.52 3.47
N CYS A 5 11.73 -16.43 4.44
CA CYS A 5 10.87 -17.59 4.67
C CYS A 5 10.49 -17.60 6.15
N CYS A 6 10.11 -16.41 6.62
CA CYS A 6 9.70 -16.11 7.98
C CYS A 6 8.87 -14.82 7.98
N PRO A 7 9.37 -13.68 7.48
CA PRO A 7 8.53 -12.52 7.18
C PRO A 7 7.70 -12.78 5.92
N VAL A 8 6.84 -13.81 5.96
CA VAL A 8 5.83 -14.07 4.96
C VAL A 8 4.55 -13.36 5.45
N ASN A 9 3.62 -13.10 4.54
CA ASN A 9 2.33 -12.45 4.75
C ASN A 9 2.46 -10.95 5.06
N LEU A 10 3.38 -10.58 5.96
CA LEU A 10 3.60 -9.18 6.32
C LEU A 10 4.15 -8.42 5.13
N LYS A 11 4.93 -9.08 4.27
CA LYS A 11 5.40 -8.48 3.04
C LYS A 11 4.22 -8.06 2.18
N ARG A 12 3.30 -8.97 1.91
CA ARG A 12 2.15 -8.63 1.07
C ARG A 12 1.21 -7.65 1.77
N LEU A 13 1.20 -7.66 3.10
CA LEU A 13 0.53 -6.62 3.88
C LEU A 13 1.16 -5.27 3.54
N LEU A 14 2.49 -5.19 3.58
CA LEU A 14 3.23 -3.99 3.20
C LEU A 14 2.87 -3.56 1.78
N VAL A 15 2.82 -4.51 0.84
CA VAL A 15 2.38 -4.21 -0.52
C VAL A 15 0.97 -3.60 -0.49
N VAL A 16 0.02 -4.19 0.23
CA VAL A 16 -1.31 -3.62 0.35
C VAL A 16 -1.22 -2.19 0.89
N VAL A 17 -0.45 -1.95 1.95
CA VAL A 17 -0.24 -0.61 2.46
C VAL A 17 0.26 0.33 1.35
N VAL A 18 1.28 -0.07 0.59
CA VAL A 18 1.78 0.72 -0.52
C VAL A 18 0.67 1.01 -1.53
N VAL A 19 -0.16 0.01 -1.87
CA VAL A 19 -1.27 0.21 -2.79
C VAL A 19 -2.22 1.26 -2.22
N VAL A 20 -2.58 1.12 -0.94
CA VAL A 20 -3.42 2.08 -0.25
C VAL A 20 -2.82 3.48 -0.34
N VAL A 21 -1.53 3.64 -0.03
CA VAL A 21 -0.82 4.90 -0.13
C VAL A 21 -0.93 5.47 -1.55
N LEU A 22 -0.71 4.64 -2.58
CA LEU A 22 -0.83 5.02 -3.96
C LEU A 22 -2.26 5.53 -4.24
N VAL A 23 -3.27 4.77 -3.80
CA VAL A 23 -4.65 5.14 -3.99
C VAL A 23 -4.95 6.46 -3.27
N VAL A 24 -4.41 6.66 -2.08
CA VAL A 24 -4.52 7.89 -1.35
C VAL A 24 -3.87 9.02 -2.15
N VAL A 25 -2.66 8.83 -2.69
CA VAL A 25 -2.04 9.79 -3.58
C VAL A 25 -2.93 10.10 -4.78
N VAL A 26 -3.57 9.08 -5.35
CA VAL A 26 -4.48 9.29 -6.48
C VAL A 26 -5.63 10.17 -6.00
N ILE A 27 -6.20 9.87 -4.82
CA ILE A 27 -7.29 10.63 -4.25
C ILE A 27 -6.82 12.07 -4.01
N VAL A 28 -5.59 12.25 -3.51
CA VAL A 28 -5.03 13.57 -3.26
C VAL A 28 -4.93 14.32 -4.58
N GLY A 29 -4.34 13.70 -5.60
CA GLY A 29 -4.30 14.27 -6.94
C GLY A 29 -5.69 14.66 -7.44
N ALA A 30 -6.67 13.76 -7.27
CA ALA A 30 -8.05 14.02 -7.63
C ALA A 30 -8.58 15.26 -6.92
N LEU A 31 -8.39 15.34 -5.60
CA LEU A 31 -8.81 16.46 -4.78
C LEU A 31 -8.14 17.73 -5.30
N LEU A 32 -6.84 17.71 -5.59
CA LEU A 32 -6.13 18.86 -6.12
C LEU A 32 -6.70 19.27 -7.48
N MET A 33 -7.01 18.30 -8.35
CA MET A 33 -7.65 18.56 -9.63
C MET A 33 -9.05 19.17 -9.43
N GLY A 34 -9.76 18.70 -8.40
CA GLY A 34 -11.11 19.08 -8.06
C GLY A 34 -12.10 17.99 -8.48
N LEU A 35 -11.77 16.74 -8.18
CA LEU A 35 -12.60 15.56 -8.37
C LEU A 35 -12.60 14.80 -7.04
N LEU A 1 15.74 -2.38 11.75
CA LEU A 1 15.48 -2.06 13.16
C LEU A 1 14.16 -2.75 13.52
N ARG A 2 14.08 -3.44 14.66
CA ARG A 2 12.95 -4.29 15.07
C ARG A 2 12.37 -5.11 13.91
N ILE A 3 13.25 -5.79 13.18
CA ILE A 3 12.92 -6.61 12.04
C ILE A 3 12.49 -7.98 12.58
N PRO A 4 11.31 -8.50 12.20
CA PRO A 4 10.78 -9.74 12.77
C PRO A 4 11.45 -10.98 12.18
N CYS A 5 12.03 -10.87 10.98
CA CYS A 5 12.66 -11.99 10.27
C CYS A 5 11.62 -13.05 9.90
N CYS A 6 10.45 -12.58 9.46
CA CYS A 6 9.36 -13.42 9.00
C CYS A 6 8.56 -12.70 7.90
N PRO A 7 9.16 -12.52 6.70
CA PRO A 7 8.54 -11.79 5.61
C PRO A 7 7.50 -12.67 4.90
N VAL A 8 6.48 -13.10 5.65
CA VAL A 8 5.41 -13.95 5.15
C VAL A 8 4.32 -13.05 4.54
N ASN A 9 3.05 -13.30 4.83
CA ASN A 9 1.95 -12.46 4.39
C ASN A 9 2.17 -10.98 4.75
N LEU A 10 2.94 -10.71 5.81
CA LEU A 10 3.31 -9.35 6.21
C LEU A 10 3.97 -8.62 5.04
N LYS A 11 4.73 -9.33 4.21
CA LYS A 11 5.29 -8.80 2.99
C LYS A 11 4.18 -8.26 2.07
N ARG A 12 3.15 -9.07 1.84
CA ARG A 12 2.03 -8.70 1.01
C ARG A 12 1.18 -7.62 1.70
N LEU A 13 1.19 -7.59 3.02
CA LEU A 13 0.57 -6.54 3.81
C LEU A 13 1.28 -5.22 3.49
N LEU A 14 2.62 -5.21 3.49
CA LEU A 14 3.40 -4.06 3.09
C LEU A 14 3.02 -3.60 1.69
N VAL A 15 2.92 -4.54 0.74
CA VAL A 15 2.46 -4.22 -0.61
C VAL A 15 1.08 -3.53 -0.54
N VAL A 16 0.12 -4.11 0.20
CA VAL A 16 -1.19 -3.52 0.37
C VAL A 16 -1.07 -2.10 0.92
N VAL A 17 -0.24 -1.87 1.96
CA VAL A 17 0.00 -0.55 2.49
C VAL A 17 0.48 0.39 1.38
N VAL A 18 1.48 -0.01 0.61
CA VAL A 18 1.96 0.78 -0.51
C VAL A 18 0.82 1.10 -1.49
N VAL A 19 -0.01 0.11 -1.82
CA VAL A 19 -1.14 0.34 -2.72
C VAL A 19 -2.08 1.38 -2.11
N VAL A 20 -2.40 1.23 -0.83
CA VAL A 20 -3.24 2.17 -0.10
C VAL A 20 -2.65 3.58 -0.19
N VAL A 21 -1.36 3.73 0.09
CA VAL A 21 -0.67 5.02 -0.01
C VAL A 21 -0.80 5.58 -1.42
N LEU A 22 -0.58 4.77 -2.45
CA LEU A 22 -0.72 5.17 -3.83
C LEU A 22 -2.16 5.64 -4.08
N VAL A 23 -3.16 4.87 -3.63
CA VAL A 23 -4.56 5.20 -3.80
C VAL A 23 -4.88 6.52 -3.09
N VAL A 24 -4.33 6.74 -1.90
CA VAL A 24 -4.48 7.97 -1.19
C VAL A 24 -3.86 9.12 -2.00
N VAL A 25 -2.64 8.94 -2.53
CA VAL A 25 -2.03 9.91 -3.42
C VAL A 25 -2.93 10.19 -4.63
N VAL A 26 -3.55 9.15 -5.18
CA VAL A 26 -4.45 9.31 -6.31
C VAL A 26 -5.64 10.16 -5.86
N ILE A 27 -6.22 9.85 -4.70
CA ILE A 27 -7.34 10.60 -4.16
C ILE A 27 -6.92 12.06 -3.97
N VAL A 28 -5.71 12.28 -3.43
CA VAL A 28 -5.19 13.62 -3.20
C VAL A 28 -5.09 14.35 -4.55
N GLY A 29 -4.38 13.77 -5.51
CA GLY A 29 -4.28 14.34 -6.84
C GLY A 29 -5.66 14.65 -7.43
N ALA A 30 -6.60 13.71 -7.31
CA ALA A 30 -7.97 13.89 -7.77
C ALA A 30 -8.62 15.10 -7.10
N LEU A 31 -8.44 15.26 -5.79
CA LEU A 31 -8.95 16.37 -5.03
C LEU A 31 -8.34 17.66 -5.57
N LEU A 32 -7.00 17.76 -5.70
CA LEU A 32 -6.38 18.93 -6.30
C LEU A 32 -6.92 19.21 -7.71
N MET A 33 -7.12 18.18 -8.53
CA MET A 33 -7.69 18.33 -9.86
C MET A 33 -9.12 18.88 -9.78
N GLY A 34 -9.93 18.37 -8.84
CA GLY A 34 -11.31 18.79 -8.66
C GLY A 34 -11.96 18.17 -7.43
N LEU A 35 -11.92 16.84 -7.31
CA LEU A 35 -12.58 16.08 -6.26
C LEU A 35 -11.97 14.69 -6.32
N LEU A 1 3.46 -28.17 6.50
CA LEU A 1 3.59 -28.06 7.96
C LEU A 1 2.58 -27.02 8.45
N ARG A 2 2.27 -27.01 9.75
CA ARG A 2 1.26 -26.15 10.34
C ARG A 2 1.75 -24.69 10.43
N ILE A 3 1.83 -24.03 9.27
CA ILE A 3 2.16 -22.62 9.13
C ILE A 3 3.49 -22.29 9.85
N PRO A 4 4.63 -22.76 9.31
CA PRO A 4 5.91 -22.65 10.00
C PRO A 4 6.36 -21.19 10.15
N CYS A 5 6.47 -20.47 9.03
CA CYS A 5 6.87 -19.06 9.01
C CYS A 5 6.52 -18.47 7.64
N CYS A 6 5.23 -18.50 7.32
CA CYS A 6 4.63 -18.23 6.02
C CYS A 6 5.07 -16.87 5.46
N PRO A 7 6.01 -16.85 4.50
CA PRO A 7 6.64 -15.64 4.02
C PRO A 7 5.79 -14.99 2.92
N VAL A 8 4.46 -15.03 3.10
CA VAL A 8 3.47 -14.30 2.34
C VAL A 8 2.97 -13.24 3.32
N ASN A 9 1.65 -13.06 3.43
CA ASN A 9 0.97 -12.33 4.51
C ASN A 9 1.59 -10.95 4.80
N LEU A 10 2.64 -10.92 5.61
CA LEU A 10 3.42 -9.74 5.95
C LEU A 10 3.90 -9.04 4.66
N LYS A 11 4.38 -9.81 3.69
CA LYS A 11 4.77 -9.28 2.40
C LYS A 11 3.58 -8.55 1.76
N ARG A 12 2.42 -9.23 1.69
CA ARG A 12 1.25 -8.65 1.07
C ARG A 12 0.71 -7.47 1.89
N LEU A 13 0.95 -7.45 3.19
CA LEU A 13 0.62 -6.32 4.03
C LEU A 13 1.46 -5.13 3.60
N LEU A 14 2.78 -5.31 3.47
CA LEU A 14 3.66 -4.24 3.03
C LEU A 14 3.23 -3.71 1.66
N VAL A 15 2.96 -4.63 0.72
CA VAL A 15 2.43 -4.25 -0.59
C VAL A 15 1.16 -3.43 -0.42
N VAL A 16 0.21 -3.91 0.40
CA VAL A 16 -1.03 -3.18 0.65
C VAL A 16 -0.73 -1.79 1.21
N VAL A 17 0.18 -1.65 2.16
CA VAL A 17 0.56 -0.34 2.68
C VAL A 17 0.98 0.58 1.54
N VAL A 18 1.92 0.12 0.70
CA VAL A 18 2.38 0.90 -0.44
C VAL A 18 1.21 1.27 -1.36
N VAL A 19 0.35 0.29 -1.70
CA VAL A 19 -0.78 0.53 -2.59
C VAL A 19 -1.69 1.59 -1.95
N VAL A 20 -1.98 1.45 -0.67
CA VAL A 20 -2.78 2.41 0.09
C VAL A 20 -2.18 3.80 -0.02
N VAL A 21 -0.87 3.96 0.21
CA VAL A 21 -0.22 5.25 0.07
C VAL A 21 -0.41 5.82 -1.33
N LEU A 22 -0.18 5.00 -2.36
CA LEU A 22 -0.34 5.40 -3.74
C LEU A 22 -1.81 5.82 -3.97
N VAL A 23 -2.77 5.03 -3.50
CA VAL A 23 -4.18 5.29 -3.64
C VAL A 23 -4.55 6.58 -2.94
N VAL A 24 -3.98 6.86 -1.76
CA VAL A 24 -4.18 8.09 -1.06
C VAL A 24 -3.64 9.26 -1.90
N VAL A 25 -2.41 9.15 -2.41
CA VAL A 25 -1.88 10.14 -3.33
C VAL A 25 -2.81 10.35 -4.53
N VAL A 26 -3.37 9.27 -5.08
CA VAL A 26 -4.27 9.34 -6.20
C VAL A 26 -5.55 10.08 -5.78
N ILE A 27 -6.09 9.76 -4.60
CA ILE A 27 -7.27 10.41 -4.08
C ILE A 27 -6.97 11.91 -3.92
N VAL A 28 -5.78 12.24 -3.39
CA VAL A 28 -5.40 13.61 -3.15
C VAL A 28 -5.30 14.37 -4.48
N GLY A 29 -4.53 13.83 -5.43
CA GLY A 29 -4.45 14.43 -6.75
C GLY A 29 -5.83 14.58 -7.39
N ALA A 30 -6.62 13.52 -7.36
CA ALA A 30 -7.98 13.53 -7.89
C ALA A 30 -8.80 14.65 -7.24
N LEU A 31 -8.70 14.80 -5.92
CA LEU A 31 -9.41 15.83 -5.19
C LEU A 31 -8.91 17.21 -5.67
N LEU A 32 -7.60 17.48 -5.64
CA LEU A 32 -7.15 18.83 -5.99
C LEU A 32 -7.43 19.18 -7.46
N MET A 33 -7.37 18.20 -8.37
CA MET A 33 -7.74 18.43 -9.76
C MET A 33 -9.25 18.63 -9.90
N GLY A 34 -10.05 17.81 -9.21
CA GLY A 34 -11.50 17.80 -9.33
C GLY A 34 -12.14 19.06 -8.73
N LEU A 35 -11.64 19.45 -7.54
CA LEU A 35 -12.19 20.44 -6.63
C LEU A 35 -13.71 20.50 -6.58
#